data_3HJV
#
_entry.id   3HJV
#
_cell.length_a   46.525
_cell.length_b   87.789
_cell.length_c   121.957
_cell.angle_alpha   90.00
_cell.angle_beta   90.00
_cell.angle_gamma   90.00
#
_symmetry.space_group_name_H-M   'P 21 21 21'
#
loop_
_entity.id
_entity.type
_entity.pdbx_description
1 polymer 'Malonyl Coa-acyl carrier protein transacylase'
2 non-polymer 'SULFATE ION'
3 non-polymer '3-CYCLOHEXYL-1-PROPYLSULFONIC ACID'
4 non-polymer 'CHLORIDE ION'
5 non-polymer 'butyl acetate'
6 water water
#
_entity_poly.entity_id   1
_entity_poly.type   'polypeptide(L)'
_entity_poly.pdbx_seq_one_letter_code
;(MSE)KERF(MSE)SKFAIVFPGQGSQAVG(MSE)LADLAEQYAVVKQTFAEASEVLGYDLWALVQDGPVEDLNQTFRTQ
PALLAASVAIWRVWQQLGLEQPAVLAGHSLGEYSALVCAGVIDFKQAIKLVELRGQL(MSE)QQAVPAGTGA(MSE)YAI
IGLEDEAIAKACADAAQGEVVSPVNFNSPGQVVIAGQKDAVERAGVLCKEAGAKRALPLPVSVPSHCAL(MSE)KPAADE
LAKTLAELEFNAPQIPVINNVDVVAETDPVKIKDALIRQLYSPVRWTECVEQ(MSE)SAQGVEKLIE(MSE)GPGKVLTG
LTKRIVKTLEGVAVNDVASLDAVK
;
_entity_poly.pdbx_strand_id   A,B
#
loop_
_chem_comp.id
_chem_comp.type
_chem_comp.name
_chem_comp.formula
8JZ non-polymer 'butyl acetate' 'C6 H12 O2'
CL non-polymer 'CHLORIDE ION' 'Cl -1'
CXS non-polymer '3-CYCLOHEXYL-1-PROPYLSULFONIC ACID' 'C9 H19 N O3 S'
SO4 non-polymer 'SULFATE ION' 'O4 S -2'
#
# COMPACT_ATOMS: atom_id res chain seq x y z
N MSE A 6 29.80 2.16 -14.33
CA MSE A 6 28.43 2.47 -14.84
C MSE A 6 28.34 3.87 -15.46
O MSE A 6 29.14 4.75 -15.14
CB MSE A 6 27.41 2.36 -13.70
CG MSE A 6 27.32 0.97 -13.10
SE MSE A 6 25.92 0.78 -11.74
CE MSE A 6 26.75 1.86 -10.33
N SER A 7 27.37 4.07 -16.38
CA SER A 7 27.09 5.39 -16.97
C SER A 7 26.76 6.31 -15.80
N LYS A 8 26.91 7.61 -16.00
CA LYS A 8 26.56 8.59 -14.96
C LYS A 8 25.12 8.36 -14.55
N PHE A 9 24.89 8.29 -13.25
CA PHE A 9 23.57 7.93 -12.76
C PHE A 9 23.14 8.69 -11.55
N ALA A 10 21.85 8.63 -11.30
CA ALA A 10 21.27 9.26 -10.13
C ALA A 10 20.57 8.21 -9.31
N ILE A 11 20.43 8.47 -8.03
CA ILE A 11 19.66 7.63 -7.13
C ILE A 11 18.42 8.42 -6.69
N VAL A 12 17.26 7.79 -6.78
CA VAL A 12 15.99 8.41 -6.38
C VAL A 12 15.30 7.56 -5.30
N PHE A 13 14.63 8.24 -4.38
CA PHE A 13 14.07 7.64 -3.20
C PHE A 13 12.54 7.79 -3.18
N PRO A 14 11.81 6.70 -2.89
CA PRO A 14 10.34 6.74 -2.91
C PRO A 14 9.74 7.31 -1.67
N GLY A 15 8.46 7.66 -1.78
CA GLY A 15 7.69 8.14 -0.65
C GLY A 15 6.53 7.26 -0.25
N GLN A 16 5.58 7.86 0.46
N GLN A 16 5.60 7.84 0.48
CA GLN A 16 4.36 7.20 0.98
CA GLN A 16 4.46 7.09 0.98
C GLN A 16 3.68 6.30 -0.05
C GLN A 16 3.82 6.24 -0.10
N GLY A 17 3.45 5.05 0.30
CA GLY A 17 2.81 4.06 -0.59
C GLY A 17 3.75 2.90 -0.91
N SER A 18 5.05 3.18 -0.90
CA SER A 18 6.05 2.17 -1.24
C SER A 18 6.36 1.17 -0.13
N GLN A 19 5.94 1.48 1.09
CA GLN A 19 6.14 0.59 2.23
C GLN A 19 5.36 -0.70 2.05
N ALA A 20 5.86 -1.78 2.64
CA ALA A 20 5.18 -3.05 2.62
C ALA A 20 5.63 -3.84 3.82
N VAL A 21 4.70 -4.54 4.44
CA VAL A 21 5.06 -5.46 5.52
C VAL A 21 6.03 -6.51 4.94
N GLY A 22 7.13 -6.66 5.64
CA GLY A 22 8.14 -7.63 5.27
C GLY A 22 9.27 -7.07 4.44
N MSE A 23 9.21 -5.78 4.10
CA MSE A 23 10.23 -5.19 3.28
C MSE A 23 11.61 -5.29 3.92
O MSE A 23 11.76 -5.22 5.14
CB MSE A 23 9.95 -3.72 2.97
CG MSE A 23 9.86 -2.85 4.14
SE MSE A 23 9.53 -1.01 3.56
CE MSE A 23 9.23 -0.23 5.28
N LEU A 24 12.58 -5.53 3.03
CA LEU A 24 13.99 -5.63 3.40
C LEU A 24 14.36 -6.87 4.22
N ALA A 25 13.45 -7.81 4.42
CA ALA A 25 13.75 -9.03 5.19
C ALA A 25 15.01 -9.75 4.71
N ASP A 26 15.08 -9.95 3.40
CA ASP A 26 16.18 -10.64 2.73
C ASP A 26 17.52 -9.94 3.01
N LEU A 27 17.54 -8.65 2.73
N LEU A 27 17.56 -8.65 2.71
CA LEU A 27 18.74 -7.84 2.92
CA LEU A 27 18.77 -7.85 2.97
C LEU A 27 19.19 -7.82 4.40
C LEU A 27 19.20 -7.89 4.43
N ALA A 28 18.22 -7.77 5.33
CA ALA A 28 18.50 -7.76 6.77
C ALA A 28 19.07 -9.08 7.30
N GLU A 29 18.82 -10.18 6.59
N GLU A 29 18.81 -10.18 6.62
CA GLU A 29 19.37 -11.47 6.97
CA GLU A 29 19.37 -11.45 7.06
C GLU A 29 20.83 -11.56 6.62
C GLU A 29 20.77 -11.65 6.52
N GLN A 30 21.24 -10.75 5.65
CA GLN A 30 22.57 -10.84 5.09
C GLN A 30 23.54 -9.76 5.54
N TYR A 31 23.06 -8.56 5.77
CA TYR A 31 23.95 -7.48 6.14
C TYR A 31 23.51 -6.87 7.46
N ALA A 32 24.36 -6.98 8.47
CA ALA A 32 24.08 -6.33 9.81
C ALA A 32 23.64 -4.87 9.80
N VAL A 33 24.13 -4.05 8.86
CA VAL A 33 23.82 -2.62 8.90
C VAL A 33 22.33 -2.29 8.70
N VAL A 34 21.59 -3.22 8.10
CA VAL A 34 20.16 -3.01 7.89
C VAL A 34 19.43 -2.92 9.24
N LYS A 35 19.53 -3.97 10.05
CA LYS A 35 18.89 -3.92 11.38
C LYS A 35 19.56 -2.89 12.32
N GLN A 36 20.84 -2.62 12.10
N GLN A 36 20.84 -2.61 12.10
CA GLN A 36 21.52 -1.59 12.88
CA GLN A 36 21.51 -1.59 12.90
C GLN A 36 20.84 -0.26 12.61
C GLN A 36 20.86 -0.23 12.62
N THR A 37 20.56 0.03 11.36
CA THR A 37 19.88 1.27 10.94
C THR A 37 18.49 1.39 11.55
N PHE A 38 17.70 0.32 11.48
CA PHE A 38 16.38 0.33 12.10
C PHE A 38 16.45 0.46 13.62
N ALA A 39 17.50 -0.09 14.22
CA ALA A 39 17.69 0.01 15.68
C ALA A 39 17.94 1.49 16.09
N GLU A 40 18.73 2.20 15.31
CA GLU A 40 18.97 3.64 15.52
C GLU A 40 17.65 4.41 15.42
N ALA A 41 16.83 4.10 14.42
CA ALA A 41 15.51 4.73 14.32
C ALA A 41 14.65 4.45 15.54
N SER A 42 14.64 3.19 15.95
CA SER A 42 13.84 2.77 17.10
C SER A 42 14.22 3.51 18.40
N GLU A 43 15.51 3.75 18.59
N GLU A 43 15.50 3.80 18.61
CA GLU A 43 16.01 4.53 19.73
CA GLU A 43 15.92 4.51 19.83
C GLU A 43 15.30 5.87 19.80
C GLU A 43 15.34 5.93 19.83
N VAL A 44 15.18 6.52 18.64
CA VAL A 44 14.57 7.86 18.53
C VAL A 44 13.05 7.82 18.70
N LEU A 45 12.42 6.79 18.11
CA LEU A 45 10.98 6.68 18.07
C LEU A 45 10.36 6.13 19.34
N GLY A 46 11.10 5.35 20.10
CA GLY A 46 10.58 4.74 21.31
C GLY A 46 9.73 3.52 21.09
N TYR A 47 9.81 2.92 19.91
CA TYR A 47 9.17 1.63 19.66
C TYR A 47 10.02 0.90 18.64
N ASP A 48 9.79 -0.40 18.48
CA ASP A 48 10.58 -1.23 17.57
C ASP A 48 10.08 -1.09 16.15
N LEU A 49 10.74 -0.24 15.37
CA LEU A 49 10.35 0.03 14.00
C LEU A 49 10.54 -1.18 13.10
N TRP A 50 11.60 -1.98 13.31
CA TRP A 50 11.82 -3.15 12.49
C TRP A 50 10.70 -4.16 12.72
N ALA A 51 10.28 -4.32 13.97
CA ALA A 51 9.20 -5.26 14.30
C ALA A 51 7.91 -4.80 13.60
N LEU A 52 7.65 -3.50 13.59
CA LEU A 52 6.44 -2.97 12.93
C LEU A 52 6.49 -3.29 11.42
N VAL A 53 7.65 -3.04 10.82
CA VAL A 53 7.82 -3.27 9.38
C VAL A 53 7.71 -4.76 9.01
N GLN A 54 8.23 -5.64 9.85
CA GLN A 54 8.21 -7.07 9.55
C GLN A 54 6.92 -7.76 9.88
N ASP A 55 6.25 -7.34 10.96
CA ASP A 55 5.04 -8.04 11.41
C ASP A 55 3.71 -7.27 11.36
N GLY A 56 3.76 -5.96 11.13
CA GLY A 56 2.57 -5.14 11.22
C GLY A 56 2.36 -4.73 12.68
N PRO A 57 1.16 -4.29 13.06
CA PRO A 57 -0.03 -4.24 12.20
C PRO A 57 0.14 -3.35 11.00
N VAL A 58 -0.34 -3.82 9.85
CA VAL A 58 -0.22 -3.01 8.65
C VAL A 58 -0.96 -1.69 8.81
N GLU A 59 -2.05 -1.67 9.57
CA GLU A 59 -2.82 -0.42 9.71
C GLU A 59 -1.99 0.63 10.46
N ASP A 60 -1.14 0.19 11.37
CA ASP A 60 -0.24 1.11 12.04
C ASP A 60 0.87 1.55 11.09
N LEU A 61 1.46 0.60 10.36
CA LEU A 61 2.52 0.95 9.41
C LEU A 61 2.08 2.00 8.39
N ASN A 62 0.80 1.93 8.00
CA ASN A 62 0.24 2.82 6.96
C ASN A 62 -0.10 4.24 7.46
N GLN A 63 -0.08 4.47 8.77
N GLN A 63 -0.07 4.45 8.77
CA GLN A 63 -0.33 5.80 9.32
CA GLN A 63 -0.27 5.78 9.34
C GLN A 63 0.93 6.59 9.02
C GLN A 63 0.96 6.54 8.88
N THR A 64 0.77 7.75 8.37
CA THR A 64 1.88 8.51 7.82
C THR A 64 3.02 8.82 8.79
N PHE A 65 2.71 9.08 10.06
CA PHE A 65 3.78 9.36 11.03
C PHE A 65 4.62 8.12 11.40
N ARG A 66 4.16 6.92 11.00
CA ARG A 66 4.95 5.70 11.10
C ARG A 66 5.56 5.34 9.75
N THR A 67 4.78 5.52 8.69
N THR A 67 4.79 5.49 8.66
CA THR A 67 5.26 5.22 7.33
CA THR A 67 5.32 5.19 7.31
C THR A 67 6.52 5.99 6.97
C THR A 67 6.55 6.00 6.97
N GLN A 68 6.53 7.28 7.29
CA GLN A 68 7.65 8.14 6.97
C GLN A 68 9.00 7.70 7.57
N PRO A 69 9.06 7.46 8.89
CA PRO A 69 10.34 6.94 9.43
C PRO A 69 10.66 5.54 8.91
N ALA A 70 9.64 4.72 8.71
CA ALA A 70 9.88 3.38 8.18
C ALA A 70 10.55 3.44 6.81
N LEU A 71 10.04 4.29 5.93
CA LEU A 71 10.64 4.42 4.60
C LEU A 71 12.01 5.09 4.62
N LEU A 72 12.19 6.08 5.49
CA LEU A 72 13.48 6.76 5.63
C LEU A 72 14.54 5.74 6.09
N ALA A 73 14.20 4.97 7.14
CA ALA A 73 15.08 3.91 7.62
C ALA A 73 15.39 2.87 6.51
N ALA A 74 14.38 2.45 5.73
CA ALA A 74 14.58 1.47 4.67
C ALA A 74 15.59 1.97 3.62
N SER A 75 15.41 3.20 3.16
CA SER A 75 16.27 3.74 2.11
C SER A 75 17.69 3.97 2.59
N VAL A 76 17.83 4.49 3.81
CA VAL A 76 19.14 4.75 4.36
C VAL A 76 19.88 3.42 4.62
N ALA A 77 19.14 2.40 5.05
CA ALA A 77 19.69 1.07 5.24
C ALA A 77 20.33 0.56 3.96
N ILE A 78 19.59 0.71 2.86
CA ILE A 78 20.06 0.23 1.55
C ILE A 78 21.29 1.04 1.15
N TRP A 79 21.25 2.36 1.39
CA TRP A 79 22.39 3.22 1.09
C TRP A 79 23.65 2.77 1.82
N ARG A 80 23.50 2.40 3.09
CA ARG A 80 24.63 1.93 3.89
C ARG A 80 25.22 0.61 3.35
N VAL A 81 24.34 -0.28 2.89
CA VAL A 81 24.82 -1.53 2.25
C VAL A 81 25.57 -1.18 0.96
N TRP A 82 25.00 -0.28 0.17
CA TRP A 82 25.61 0.17 -1.09
C TRP A 82 27.03 0.67 -0.81
N GLN A 83 27.19 1.47 0.24
CA GLN A 83 28.50 2.01 0.58
C GLN A 83 29.44 0.92 1.11
N GLN A 84 28.91 0.01 1.94
CA GLN A 84 29.68 -1.10 2.49
C GLN A 84 30.26 -1.99 1.40
N LEU A 85 29.44 -2.25 0.37
CA LEU A 85 29.85 -3.08 -0.77
C LEU A 85 30.79 -2.33 -1.70
N GLY A 86 30.94 -1.04 -1.46
CA GLY A 86 31.80 -0.18 -2.23
C GLY A 86 31.26 0.17 -3.60
N LEU A 87 29.93 0.23 -3.72
CA LEU A 87 29.35 0.56 -5.03
C LEU A 87 29.59 2.04 -5.36
N GLU A 88 29.60 2.34 -6.66
CA GLU A 88 29.88 3.66 -7.20
C GLU A 88 29.01 4.82 -6.67
N GLN A 89 29.58 6.02 -6.55
CA GLN A 89 28.82 7.22 -6.15
C GLN A 89 27.90 7.74 -7.26
N PRO A 90 26.65 8.05 -6.93
CA PRO A 90 25.77 8.70 -7.89
C PRO A 90 26.15 10.17 -8.10
N ALA A 91 25.74 10.73 -9.22
CA ALA A 91 26.01 12.13 -9.54
C ALA A 91 25.07 13.11 -8.87
N VAL A 92 23.86 12.66 -8.56
CA VAL A 92 22.84 13.50 -7.96
C VAL A 92 21.81 12.59 -7.33
N LEU A 93 21.08 13.13 -6.37
CA LEU A 93 20.01 12.43 -5.67
C LEU A 93 18.72 13.25 -5.72
N ALA A 94 17.59 12.58 -5.55
CA ALA A 94 16.33 13.28 -5.36
C ALA A 94 15.33 12.28 -4.82
N GLY A 95 14.24 12.75 -4.26
CA GLY A 95 13.22 11.80 -3.84
C GLY A 95 11.85 12.44 -3.82
N HIS A 96 10.84 11.60 -3.77
CA HIS A 96 9.46 12.06 -3.88
C HIS A 96 8.83 12.31 -2.52
N SER A 97 8.67 13.59 -2.17
CA SER A 97 8.06 14.05 -0.94
C SER A 97 8.89 13.57 0.27
N LEU A 98 8.48 12.50 0.96
CA LEU A 98 9.29 11.92 2.04
C LEU A 98 10.68 11.53 1.51
N GLY A 99 10.72 11.04 0.28
CA GLY A 99 11.97 10.65 -0.32
C GLY A 99 13.03 11.74 -0.34
N GLU A 100 12.63 13.00 -0.34
CA GLU A 100 13.62 14.09 -0.31
C GLU A 100 14.46 14.04 0.99
N TYR A 101 13.82 13.65 2.08
CA TYR A 101 14.50 13.50 3.37
C TYR A 101 15.52 12.38 3.29
N SER A 102 15.15 11.26 2.67
CA SER A 102 16.08 10.16 2.48
C SER A 102 17.29 10.64 1.69
N ALA A 103 17.05 11.37 0.59
CA ALA A 103 18.16 11.93 -0.21
C ALA A 103 19.09 12.82 0.62
N LEU A 104 18.51 13.67 1.46
CA LEU A 104 19.27 14.60 2.27
C LEU A 104 20.11 13.89 3.32
N VAL A 105 19.60 12.80 3.89
CA VAL A 105 20.41 12.01 4.84
C VAL A 105 21.57 11.37 4.09
N CYS A 106 21.30 10.76 2.93
CA CYS A 106 22.34 10.10 2.16
C CYS A 106 23.40 11.07 1.63
N ALA A 107 22.99 12.31 1.35
CA ALA A 107 23.92 13.36 0.90
C ALA A 107 24.70 14.01 2.05
N GLY A 108 24.46 13.54 3.27
CA GLY A 108 25.15 14.06 4.46
C GLY A 108 24.64 15.39 4.98
N VAL A 109 23.45 15.80 4.55
CA VAL A 109 22.87 17.07 4.98
C VAL A 109 22.26 17.01 6.37
N ILE A 110 21.50 15.96 6.64
CA ILE A 110 20.80 15.77 7.93
C ILE A 110 21.29 14.48 8.60
N ASP A 111 21.54 14.53 9.91
CA ASP A 111 21.88 13.37 10.71
C ASP A 111 20.70 12.40 10.70
N PHE A 112 20.98 11.11 10.55
CA PHE A 112 19.92 10.11 10.41
C PHE A 112 18.93 10.09 11.56
N LYS A 113 19.41 10.04 12.79
CA LYS A 113 18.52 10.00 13.94
C LYS A 113 17.68 11.28 14.05
N GLN A 114 18.27 12.44 13.77
CA GLN A 114 17.48 13.70 13.75
C GLN A 114 16.41 13.67 12.65
N ALA A 115 16.76 13.12 11.49
CA ALA A 115 15.82 12.99 10.35
C ALA A 115 14.64 12.10 10.69
N ILE A 116 14.92 11.01 11.40
CA ILE A 116 13.83 10.10 11.82
C ILE A 116 12.82 10.85 12.69
N LYS A 117 13.31 11.62 13.66
N LYS A 117 13.31 11.63 13.64
CA LYS A 117 12.44 12.44 14.52
CA LYS A 117 12.47 12.44 14.54
C LYS A 117 11.65 13.44 13.69
C LYS A 117 11.68 13.47 13.74
N LEU A 118 12.35 14.08 12.76
CA LEU A 118 11.78 15.09 11.92
C LEU A 118 10.64 14.58 11.09
N VAL A 119 10.84 13.43 10.42
CA VAL A 119 9.76 12.90 9.56
C VAL A 119 8.59 12.32 10.36
N GLU A 120 8.85 11.78 11.55
CA GLU A 120 7.75 11.40 12.43
C GLU A 120 6.88 12.62 12.73
N LEU A 121 7.52 13.72 13.10
CA LEU A 121 6.83 14.97 13.39
C LEU A 121 6.11 15.50 12.15
N ARG A 122 6.77 15.43 10.99
CA ARG A 122 6.18 15.87 9.71
C ARG A 122 4.84 15.15 9.49
N GLY A 123 4.85 13.84 9.67
CA GLY A 123 3.64 13.00 9.54
C GLY A 123 2.56 13.41 10.54
N GLN A 124 2.93 13.69 11.77
CA GLN A 124 1.97 14.08 12.78
C GLN A 124 1.30 15.42 12.44
N LEU A 125 2.11 16.38 12.03
CA LEU A 125 1.62 17.71 11.69
C LEU A 125 0.71 17.63 10.48
N MSE A 126 1.06 16.75 9.54
CA MSE A 126 0.27 16.57 8.31
C MSE A 126 -1.09 16.00 8.66
O MSE A 126 -2.12 16.48 8.14
CB MSE A 126 0.98 15.65 7.32
CG MSE A 126 2.16 16.34 6.65
SE MSE A 126 3.15 15.13 5.49
CE MSE A 126 1.72 14.65 4.26
N GLN A 127 -1.13 15.01 9.55
N GLN A 127 -1.10 15.02 9.56
CA GLN A 127 -2.39 14.39 9.96
CA GLN A 127 -2.32 14.35 9.99
C GLN A 127 -3.32 15.36 10.68
C GLN A 127 -3.28 15.28 10.74
N GLN A 128 -2.74 16.29 11.42
CA GLN A 128 -3.50 17.26 12.23
CA GLN A 128 -3.59 17.22 12.20
C GLN A 128 -3.89 18.54 11.47
N ALA A 129 -3.34 18.73 10.28
CA ALA A 129 -3.52 19.97 9.53
C ALA A 129 -4.97 20.40 9.34
N VAL A 130 -5.80 19.46 8.89
CA VAL A 130 -7.22 19.73 8.70
C VAL A 130 -7.98 18.55 9.24
N PRO A 131 -9.23 18.79 9.66
CA PRO A 131 -9.99 17.70 10.24
C PRO A 131 -10.22 16.63 9.21
N ALA A 132 -10.20 15.39 9.65
CA ALA A 132 -10.40 14.28 8.72
C ALA A 132 -11.80 14.43 8.14
N GLY A 133 -11.92 14.21 6.84
CA GLY A 133 -13.19 14.34 6.15
C GLY A 133 -13.36 15.69 5.46
N THR A 134 -12.45 16.63 5.68
CA THR A 134 -12.59 17.95 5.06
C THR A 134 -11.76 18.11 3.79
N GLY A 135 -10.83 17.19 3.57
CA GLY A 135 -9.93 17.23 2.42
C GLY A 135 -10.10 16.03 1.51
N ALA A 136 -9.57 16.14 0.28
CA ALA A 136 -9.61 15.03 -0.64
C ALA A 136 -8.43 15.10 -1.61
N MSE A 137 -8.25 14.03 -2.35
N MSE A 137 -8.11 13.98 -2.26
CA MSE A 137 -7.17 13.92 -3.31
CA MSE A 137 -7.04 13.88 -3.28
C MSE A 137 -7.64 13.03 -4.46
C MSE A 137 -7.49 12.96 -4.45
O MSE A 137 -8.34 12.04 -4.25
O MSE A 137 -7.95 11.84 -4.21
CB MSE A 137 -5.94 13.35 -2.62
CB MSE A 137 -5.70 13.32 -2.74
CG MSE A 137 -4.81 13.00 -3.52
CG MSE A 137 -5.02 14.07 -1.60
SE MSE A 137 -3.23 12.35 -2.59
SE MSE A 137 -3.15 13.45 -1.26
CE MSE A 137 -2.78 14.08 -1.77
CE MSE A 137 -2.32 13.99 -2.92
N TYR A 138 -7.28 13.41 -5.69
CA TYR A 138 -7.62 12.64 -6.90
C TYR A 138 -6.40 12.50 -7.80
N ALA A 139 -6.24 11.35 -8.46
CA ALA A 139 -5.22 11.17 -9.49
C ALA A 139 -5.91 11.43 -10.83
N ILE A 140 -5.34 12.30 -11.64
CA ILE A 140 -5.89 12.62 -12.95
C ILE A 140 -4.93 12.12 -14.02
N ILE A 141 -5.47 11.36 -14.96
CA ILE A 141 -4.65 10.79 -16.02
C ILE A 141 -5.11 11.29 -17.37
N GLY A 142 -4.16 11.73 -18.20
CA GLY A 142 -4.46 12.09 -19.58
C GLY A 142 -4.66 13.55 -19.93
N LEU A 143 -4.36 14.45 -18.99
CA LEU A 143 -4.46 15.89 -19.21
C LEU A 143 -3.15 16.61 -18.95
N GLU A 144 -2.87 17.63 -19.76
N GLU A 144 -2.87 17.63 -19.77
CA GLU A 144 -1.66 18.42 -19.59
CA GLU A 144 -1.67 18.44 -19.59
C GLU A 144 -1.82 19.28 -18.35
C GLU A 144 -1.82 19.28 -18.35
N ASP A 145 -0.69 19.66 -17.76
CA ASP A 145 -0.65 20.45 -16.52
C ASP A 145 -1.56 21.70 -16.60
N GLU A 146 -1.50 22.44 -17.70
N GLU A 146 -1.48 22.39 -17.74
CA GLU A 146 -2.31 23.67 -17.80
CA GLU A 146 -2.25 23.60 -18.04
C GLU A 146 -3.82 23.43 -17.80
C GLU A 146 -3.75 23.41 -17.81
N ALA A 147 -4.27 22.32 -18.38
CA ALA A 147 -5.69 21.97 -18.33
C ALA A 147 -6.13 21.62 -16.92
N ILE A 148 -5.26 20.92 -16.18
CA ILE A 148 -5.55 20.56 -14.79
C ILE A 148 -5.67 21.85 -13.95
N ALA A 149 -4.74 22.78 -14.16
CA ALA A 149 -4.75 24.05 -13.42
C ALA A 149 -6.07 24.79 -13.68
N LYS A 150 -6.52 24.78 -14.93
CA LYS A 150 -7.77 25.42 -15.32
C LYS A 150 -8.96 24.75 -14.64
N ALA A 151 -8.97 23.42 -14.63
CA ALA A 151 -10.05 22.67 -13.96
C ALA A 151 -10.11 23.01 -12.46
N CYS A 152 -8.95 23.08 -11.82
CA CYS A 152 -8.89 23.43 -10.40
C CYS A 152 -9.42 24.86 -10.15
N ALA A 153 -9.07 25.82 -11.02
CA ALA A 153 -9.56 27.19 -10.84
C ALA A 153 -11.09 27.22 -10.96
N ASP A 154 -11.60 26.56 -12.00
CA ASP A 154 -13.04 26.46 -12.22
C ASP A 154 -13.79 25.80 -11.04
N ALA A 155 -13.15 24.84 -10.42
CA ALA A 155 -13.72 24.08 -9.29
C ALA A 155 -13.69 24.81 -7.96
N ALA A 156 -12.73 25.71 -7.79
CA ALA A 156 -12.47 26.32 -6.47
C ALA A 156 -13.67 26.91 -5.74
N GLN A 157 -14.42 27.78 -6.41
CA GLN A 157 -15.55 28.47 -5.76
C GLN A 157 -15.11 29.04 -4.40
N GLY A 158 -13.93 29.67 -4.40
CA GLY A 158 -13.37 30.30 -3.22
C GLY A 158 -12.56 29.41 -2.27
N GLU A 159 -12.49 28.13 -2.58
N GLU A 159 -12.49 28.12 -2.55
CA GLU A 159 -11.79 27.16 -1.73
CA GLU A 159 -11.77 27.19 -1.69
C GLU A 159 -10.45 26.80 -2.33
C GLU A 159 -10.49 26.70 -2.35
N VAL A 160 -9.63 26.08 -1.56
CA VAL A 160 -8.35 25.59 -2.02
C VAL A 160 -8.48 24.24 -2.76
N VAL A 161 -8.00 24.22 -4.00
CA VAL A 161 -7.90 22.99 -4.79
C VAL A 161 -6.80 23.27 -5.80
N SER A 162 -5.78 22.39 -5.81
N SER A 162 -5.81 22.37 -5.86
CA SER A 162 -4.62 22.59 -6.69
CA SER A 162 -4.68 22.60 -6.75
C SER A 162 -3.98 21.29 -7.13
C SER A 162 -3.95 21.31 -7.10
N PRO A 163 -3.14 21.35 -8.16
CA PRO A 163 -2.31 20.19 -8.46
C PRO A 163 -1.26 20.12 -7.33
N VAL A 164 -1.01 18.92 -6.84
CA VAL A 164 -0.10 18.70 -5.71
C VAL A 164 1.04 17.76 -6.07
N ASN A 165 0.90 16.97 -7.14
CA ASN A 165 2.05 16.21 -7.67
C ASN A 165 2.00 16.30 -9.20
N PHE A 166 3.15 16.57 -9.81
CA PHE A 166 3.33 16.43 -11.26
C PHE A 166 4.28 15.24 -11.38
N ASN A 167 3.70 14.06 -11.59
CA ASN A 167 4.45 12.80 -11.55
C ASN A 167 5.02 12.32 -12.86
N SER A 168 4.29 12.57 -13.94
CA SER A 168 4.77 12.33 -15.29
C SER A 168 3.86 13.13 -16.22
N PRO A 169 4.28 13.34 -17.47
CA PRO A 169 3.34 14.01 -18.39
C PRO A 169 2.05 13.19 -18.46
N GLY A 170 0.91 13.81 -18.17
CA GLY A 170 -0.34 13.09 -18.12
C GLY A 170 -0.68 12.35 -16.83
N GLN A 171 0.16 12.51 -15.80
N GLN A 171 0.12 12.56 -15.78
CA GLN A 171 -0.11 11.92 -14.49
CA GLN A 171 -0.11 11.91 -14.49
C GLN A 171 0.07 13.03 -13.44
C GLN A 171 0.07 12.96 -13.38
N VAL A 172 -1.05 13.53 -12.95
CA VAL A 172 -1.08 14.61 -11.99
C VAL A 172 -2.05 14.28 -10.87
N VAL A 173 -1.64 14.60 -9.65
CA VAL A 173 -2.48 14.43 -8.48
C VAL A 173 -2.94 15.82 -8.04
N ILE A 174 -4.21 15.95 -7.65
CA ILE A 174 -4.78 17.20 -7.17
C ILE A 174 -5.28 16.96 -5.74
N ALA A 175 -5.31 18.02 -4.95
CA ALA A 175 -5.84 17.92 -3.61
C ALA A 175 -6.34 19.25 -3.12
N GLY A 176 -7.00 19.21 -1.96
CA GLY A 176 -7.56 20.41 -1.35
C GLY A 176 -8.85 20.12 -0.59
N GLN A 177 -9.73 21.12 -0.53
CA GLN A 177 -11.02 21.00 0.15
C GLN A 177 -11.84 19.92 -0.59
N LYS A 178 -12.47 19.01 0.17
N LYS A 178 -12.48 19.04 0.20
CA LYS A 178 -13.12 17.86 -0.44
CA LYS A 178 -13.22 17.87 -0.28
C LYS A 178 -14.12 18.16 -1.57
C LYS A 178 -14.16 18.11 -1.49
N ASP A 179 -15.12 19.00 -1.30
CA ASP A 179 -16.10 19.30 -2.36
C ASP A 179 -15.35 19.88 -3.62
N ALA A 180 -14.45 20.84 -3.39
CA ALA A 180 -13.75 21.50 -4.49
C ALA A 180 -12.99 20.49 -5.33
N VAL A 181 -12.33 19.55 -4.66
CA VAL A 181 -11.58 18.49 -5.33
C VAL A 181 -12.53 17.60 -6.11
N GLU A 182 -13.70 17.28 -5.55
CA GLU A 182 -14.66 16.48 -6.28
C GLU A 182 -15.15 17.22 -7.54
N ARG A 183 -15.40 18.52 -7.43
CA ARG A 183 -15.77 19.33 -8.60
C ARG A 183 -14.65 19.30 -9.64
N ALA A 184 -13.41 19.41 -9.16
CA ALA A 184 -12.26 19.38 -10.08
C ALA A 184 -12.13 18.07 -10.85
N GLY A 185 -12.44 16.95 -10.19
CA GLY A 185 -12.43 15.67 -10.86
C GLY A 185 -13.42 15.62 -12.03
N VAL A 186 -14.61 16.15 -11.79
CA VAL A 186 -15.63 16.21 -12.83
C VAL A 186 -15.19 17.11 -13.98
N LEU A 187 -14.68 18.29 -13.63
CA LEU A 187 -14.20 19.25 -14.62
C LEU A 187 -13.03 18.67 -15.44
N CYS A 188 -12.14 17.91 -14.80
CA CYS A 188 -11.04 17.26 -15.56
C CYS A 188 -11.60 16.27 -16.57
N LYS A 189 -12.57 15.46 -16.16
CA LYS A 189 -13.19 14.51 -17.10
C LYS A 189 -13.84 15.26 -18.26
N GLU A 190 -14.56 16.34 -17.96
CA GLU A 190 -15.19 17.12 -19.02
C GLU A 190 -14.14 17.72 -19.98
N ALA A 191 -12.95 18.01 -19.46
CA ALA A 191 -11.86 18.56 -20.24
C ALA A 191 -11.12 17.50 -21.06
N GLY A 192 -11.46 16.22 -20.88
CA GLY A 192 -10.85 15.14 -21.66
C GLY A 192 -9.92 14.21 -20.91
N ALA A 193 -9.87 14.28 -19.57
CA ALA A 193 -9.03 13.38 -18.81
C ALA A 193 -9.48 11.95 -19.10
N LYS A 194 -8.52 11.01 -19.23
CA LYS A 194 -8.87 9.62 -19.45
C LYS A 194 -9.49 9.03 -18.19
N ARG A 195 -8.89 9.33 -17.02
CA ARG A 195 -9.35 8.83 -15.71
C ARG A 195 -9.21 9.91 -14.63
N ALA A 196 -10.14 9.93 -13.67
CA ALA A 196 -10.10 10.79 -12.49
C ALA A 196 -10.40 9.86 -11.33
N LEU A 197 -9.37 9.50 -10.58
CA LEU A 197 -9.49 8.51 -9.53
C LEU A 197 -9.49 9.12 -8.15
N PRO A 198 -10.60 8.98 -7.40
CA PRO A 198 -10.57 9.48 -6.02
C PRO A 198 -9.65 8.55 -5.21
N LEU A 199 -8.73 9.14 -4.45
CA LEU A 199 -7.78 8.37 -3.66
C LEU A 199 -8.21 8.28 -2.20
N PRO A 200 -8.04 7.10 -1.60
CA PRO A 200 -8.35 6.87 -0.20
C PRO A 200 -7.29 7.53 0.67
N VAL A 201 -7.43 8.82 0.88
CA VAL A 201 -6.47 9.60 1.65
C VAL A 201 -7.23 10.68 2.38
N SER A 202 -6.90 10.87 3.64
CA SER A 202 -7.52 11.93 4.42
C SER A 202 -6.77 13.27 4.30
N VAL A 203 -5.44 13.21 4.26
CA VAL A 203 -4.61 14.41 4.26
C VAL A 203 -4.41 14.97 2.86
N PRO A 204 -4.86 16.22 2.60
CA PRO A 204 -4.67 16.92 1.33
C PRO A 204 -3.27 17.54 1.30
N SER A 205 -2.28 16.69 1.17
N SER A 205 -2.29 16.67 1.12
CA SER A 205 -0.89 17.09 1.20
CA SER A 205 -0.89 17.04 1.11
C SER A 205 -0.48 17.90 -0.03
C SER A 205 -0.53 17.96 -0.03
N HIS A 206 0.55 18.71 0.17
CA HIS A 206 1.17 19.54 -0.84
C HIS A 206 0.30 20.62 -1.48
N CYS A 207 -0.66 21.13 -0.71
CA CYS A 207 -1.46 22.26 -1.13
C CYS A 207 -1.47 23.26 0.02
N ALA A 208 -2.06 24.43 -0.23
CA ALA A 208 -2.03 25.54 0.71
C ALA A 208 -2.64 25.22 2.06
N LEU A 209 -3.48 24.20 2.13
CA LEU A 209 -4.05 23.80 3.42
C LEU A 209 -2.98 23.31 4.43
N MSE A 210 -1.78 22.99 3.93
N MSE A 210 -1.82 22.87 3.92
CA MSE A 210 -0.68 22.60 4.81
CA MSE A 210 -0.75 22.34 4.76
C MSE A 210 0.17 23.81 5.28
C MSE A 210 0.13 23.43 5.38
O MSE A 210 1.16 23.58 5.96
O MSE A 210 0.98 23.16 6.24
CB MSE A 210 0.25 21.62 4.08
CB MSE A 210 0.12 21.41 3.92
CG MSE A 210 -0.34 20.26 3.65
CG MSE A 210 -0.65 20.29 3.24
SE MSE A 210 -0.84 19.01 5.09
SE MSE A 210 -1.76 19.38 4.53
CE MSE A 210 -2.80 19.36 5.08
CE MSE A 210 -0.55 19.55 6.04
N LYS A 211 -0.16 25.05 4.92
N LYS A 211 -0.07 24.68 4.94
CA LYS A 211 0.69 26.16 5.32
CA LYS A 211 0.74 25.84 5.37
C LYS A 211 0.87 26.24 6.85
C LYS A 211 0.90 26.02 6.89
N PRO A 212 -0.22 26.09 7.64
CA PRO A 212 -0.05 26.16 9.09
C PRO A 212 0.86 25.04 9.66
N ALA A 213 0.76 23.83 9.12
CA ALA A 213 1.62 22.71 9.53
C ALA A 213 3.07 23.00 9.19
N ALA A 214 3.28 23.60 8.02
CA ALA A 214 4.64 23.93 7.57
C ALA A 214 5.25 24.97 8.50
N ASP A 215 4.45 25.93 8.95
CA ASP A 215 4.94 26.94 9.87
C ASP A 215 5.42 26.29 11.18
N GLU A 216 4.71 25.28 11.64
N GLU A 216 4.70 25.27 11.64
CA GLU A 216 5.09 24.57 12.86
CA GLU A 216 5.08 24.52 12.84
C GLU A 216 6.32 23.68 12.63
C GLU A 216 6.35 23.73 12.60
N LEU A 217 6.42 23.06 11.45
CA LEU A 217 7.61 22.22 11.11
C LEU A 217 8.91 23.08 11.09
N ALA A 218 8.76 24.33 10.66
CA ALA A 218 9.87 25.27 10.60
C ALA A 218 10.52 25.46 11.98
N LYS A 219 9.69 25.46 13.02
CA LYS A 219 10.19 25.64 14.37
C LYS A 219 11.13 24.51 14.77
N THR A 220 10.82 23.29 14.34
CA THR A 220 11.68 22.16 14.62
C THR A 220 12.94 22.16 13.74
N LEU A 221 12.80 22.56 12.46
CA LEU A 221 13.96 22.60 11.58
C LEU A 221 15.01 23.58 12.10
N ALA A 222 14.57 24.60 12.83
CA ALA A 222 15.46 25.60 13.43
C ALA A 222 16.38 24.96 14.48
N GLU A 223 15.99 23.81 15.00
CA GLU A 223 16.76 23.09 16.02
C GLU A 223 17.66 21.95 15.52
N LEU A 224 17.65 21.67 14.21
N LEU A 224 17.61 21.63 14.22
CA LEU A 224 18.42 20.58 13.64
CA LEU A 224 18.42 20.58 13.63
C LEU A 224 19.54 21.10 12.75
C LEU A 224 19.55 21.15 12.80
N GLU A 225 20.75 20.59 12.94
CA GLU A 225 21.87 21.02 12.13
C GLU A 225 21.80 20.41 10.72
N PHE A 226 21.88 21.27 9.72
CA PHE A 226 21.97 20.87 8.32
C PHE A 226 23.35 21.32 7.83
N ASN A 227 23.98 20.45 7.06
N ASN A 227 24.08 20.45 7.14
CA ASN A 227 25.25 20.72 6.44
CA ASN A 227 25.33 20.90 6.50
C ASN A 227 25.15 20.75 4.93
C ASN A 227 25.21 20.71 4.98
N ALA A 228 26.17 21.28 4.26
CA ALA A 228 26.16 21.32 2.81
C ALA A 228 26.19 19.92 2.26
N PRO A 229 25.44 19.71 1.18
CA PRO A 229 25.42 18.35 0.64
C PRO A 229 26.75 17.89 0.06
N GLN A 230 27.04 16.61 0.26
N GLN A 230 27.04 16.61 0.26
CA GLN A 230 28.21 15.95 -0.30
CA GLN A 230 28.23 15.97 -0.29
C GLN A 230 27.95 15.40 -1.71
C GLN A 230 27.96 15.46 -1.72
N ILE A 231 26.67 15.28 -2.05
CA ILE A 231 26.23 14.85 -3.38
C ILE A 231 25.06 15.79 -3.68
N PRO A 232 24.99 16.38 -4.87
CA PRO A 232 23.88 17.30 -5.18
C PRO A 232 22.52 16.65 -4.95
N VAL A 233 21.58 17.43 -4.45
CA VAL A 233 20.19 17.00 -4.22
C VAL A 233 19.24 17.99 -4.88
N ILE A 234 18.43 17.49 -5.81
CA ILE A 234 17.46 18.35 -6.50
C ILE A 234 16.17 18.38 -5.71
N ASN A 235 15.70 19.57 -5.34
CA ASN A 235 14.47 19.66 -4.50
C ASN A 235 13.16 19.61 -5.28
N ASN A 236 12.11 19.09 -4.63
CA ASN A 236 10.78 19.00 -5.25
C ASN A 236 10.08 20.33 -5.48
N VAL A 237 10.30 21.29 -4.58
CA VAL A 237 9.55 22.55 -4.59
C VAL A 237 9.96 23.49 -5.71
N ASP A 238 11.28 23.60 -5.93
CA ASP A 238 11.86 24.53 -6.93
C ASP A 238 12.64 23.86 -8.08
N VAL A 239 12.89 22.56 -7.98
CA VAL A 239 13.69 21.79 -8.95
C VAL A 239 15.12 22.38 -9.01
N VAL A 240 15.64 22.73 -7.84
CA VAL A 240 16.94 23.33 -7.73
C VAL A 240 17.88 22.47 -6.88
N ALA A 241 19.14 22.40 -7.31
CA ALA A 241 20.21 21.70 -6.54
C ALA A 241 20.78 22.71 -5.57
N GLU A 242 20.10 22.88 -4.44
CA GLU A 242 20.46 23.87 -3.45
C GLU A 242 21.66 23.39 -2.61
N THR A 243 22.59 24.29 -2.32
CA THR A 243 23.73 23.92 -1.49
C THR A 243 23.77 24.65 -0.14
N ASP A 244 22.98 25.72 0.03
CA ASP A 244 22.95 26.49 1.28
C ASP A 244 22.03 25.77 2.24
N PRO A 245 22.56 25.24 3.37
CA PRO A 245 21.67 24.48 4.27
C PRO A 245 20.42 25.21 4.78
N VAL A 246 20.48 26.54 4.94
CA VAL A 246 19.28 27.29 5.37
C VAL A 246 18.23 27.28 4.25
N LYS A 247 18.70 27.34 3.01
CA LYS A 247 17.81 27.27 1.87
C LYS A 247 17.24 25.87 1.67
N ILE A 248 18.00 24.84 2.03
CA ILE A 248 17.51 23.44 2.00
C ILE A 248 16.40 23.31 3.03
N LYS A 249 16.63 23.84 4.24
CA LYS A 249 15.56 23.85 5.24
C LYS A 249 14.31 24.55 4.73
N ASP A 250 14.47 25.76 4.18
CA ASP A 250 13.35 26.49 3.64
C ASP A 250 12.63 25.72 2.55
N ALA A 251 13.38 24.99 1.70
CA ALA A 251 12.78 24.21 0.64
C ALA A 251 11.93 23.10 1.22
N LEU A 252 12.33 22.56 2.37
CA LEU A 252 11.53 21.51 3.02
C LEU A 252 10.23 22.08 3.55
N ILE A 253 10.27 23.27 4.14
N ILE A 253 10.29 23.27 4.15
CA ILE A 253 9.07 23.91 4.69
CA ILE A 253 9.11 23.96 4.65
C ILE A 253 8.09 24.31 3.56
C ILE A 253 8.13 24.19 3.50
N ARG A 254 8.61 24.85 2.47
CA ARG A 254 7.75 25.20 1.32
C ARG A 254 7.23 23.95 0.61
N GLN A 255 8.05 22.91 0.59
CA GLN A 255 7.65 21.65 -0.04
C GLN A 255 6.31 21.16 0.51
N LEU A 256 6.08 21.39 1.81
CA LEU A 256 4.92 20.78 2.45
C LEU A 256 3.59 21.28 1.90
N TYR A 257 3.56 22.54 1.48
CA TYR A 257 2.35 23.15 0.96
C TYR A 257 2.36 23.48 -0.52
N SER A 258 3.37 22.95 -1.21
CA SER A 258 3.57 23.19 -2.63
C SER A 258 3.61 21.91 -3.41
N PRO A 259 3.35 22.00 -4.73
CA PRO A 259 3.38 20.75 -5.47
C PRO A 259 4.76 20.11 -5.63
N VAL A 260 4.76 18.78 -5.67
CA VAL A 260 5.95 17.98 -5.93
C VAL A 260 6.16 17.96 -7.46
N ARG A 261 7.22 18.64 -7.92
CA ARG A 261 7.51 18.76 -9.36
C ARG A 261 8.43 17.64 -9.82
N TRP A 262 7.91 16.41 -9.74
CA TRP A 262 8.71 15.24 -10.02
C TRP A 262 9.11 15.12 -11.47
N THR A 263 8.18 15.35 -12.39
CA THR A 263 8.53 15.36 -13.80
C THR A 263 9.76 16.21 -14.07
N GLU A 264 9.73 17.44 -13.59
CA GLU A 264 10.86 18.34 -13.76
C GLU A 264 12.12 17.88 -13.07
N CYS A 265 11.99 17.30 -11.88
N CYS A 265 12.01 17.27 -11.90
CA CYS A 265 13.16 16.75 -11.18
CA CYS A 265 13.21 16.75 -11.24
C CYS A 265 13.90 15.72 -12.07
C CYS A 265 13.92 15.74 -12.12
N VAL A 266 13.15 14.81 -12.70
CA VAL A 266 13.72 13.79 -13.56
C VAL A 266 14.34 14.44 -14.80
N GLU A 267 13.65 15.42 -15.37
CA GLU A 267 14.21 16.13 -16.52
C GLU A 267 15.51 16.88 -16.16
N GLN A 268 15.54 17.51 -14.99
CA GLN A 268 16.72 18.23 -14.52
C GLN A 268 17.89 17.26 -14.32
N MSE A 269 17.59 16.05 -13.85
CA MSE A 269 18.67 15.06 -13.72
C MSE A 269 19.27 14.76 -15.08
O MSE A 269 20.50 14.76 -15.21
CB MSE A 269 18.14 13.81 -13.01
CG MSE A 269 17.97 14.07 -11.60
SE MSE A 269 17.25 12.52 -10.64
CE MSE A 269 17.98 13.01 -8.98
N SER A 270 18.42 14.56 -16.07
CA SER A 270 18.87 14.30 -17.44
C SER A 270 19.73 15.48 -17.95
N ALA A 271 19.33 16.68 -17.57
CA ALA A 271 20.06 17.91 -17.93
C ALA A 271 21.47 17.95 -17.37
N GLN A 272 21.66 17.36 -16.19
CA GLN A 272 22.98 17.35 -15.54
C GLN A 272 23.87 16.19 -16.06
N GLY A 273 23.41 15.50 -17.11
CA GLY A 273 24.14 14.41 -17.76
C GLY A 273 23.85 12.98 -17.32
N VAL A 274 22.88 12.83 -16.42
CA VAL A 274 22.49 11.53 -15.89
C VAL A 274 21.87 10.68 -16.99
N GLU A 275 22.33 9.45 -17.09
CA GLU A 275 21.81 8.53 -18.11
C GLU A 275 20.82 7.52 -17.59
N LYS A 276 20.87 7.27 -16.27
N LYS A 276 20.82 7.30 -16.28
CA LYS A 276 19.95 6.35 -15.64
CA LYS A 276 19.87 6.39 -15.68
C LYS A 276 19.61 6.81 -14.24
C LYS A 276 19.59 6.80 -14.26
N LEU A 277 18.38 6.51 -13.83
CA LEU A 277 17.93 6.73 -12.47
C LEU A 277 17.79 5.35 -11.83
N ILE A 278 18.39 5.16 -10.66
CA ILE A 278 18.27 3.94 -9.88
C ILE A 278 17.39 4.23 -8.66
N GLU A 279 16.32 3.45 -8.51
CA GLU A 279 15.40 3.64 -7.38
C GLU A 279 15.93 2.84 -6.22
N MSE A 280 16.10 3.49 -5.07
N MSE A 280 16.09 3.51 -5.07
CA MSE A 280 16.64 2.86 -3.89
C MSE A 280 15.58 2.97 -2.73
C MSE A 280 15.69 2.90 -2.68
O MSE A 280 15.24 4.00 -2.11
O MSE A 280 15.68 3.82 -1.88
CB MSE A 280 17.87 3.56 -3.35
CB MSE A 280 18.00 3.48 -3.55
CG MSE A 280 18.43 3.06 -2.02
CG MSE A 280 18.93 2.50 -2.88
SE MSE A 280 20.24 3.62 -1.77
SE MSE A 280 20.71 3.23 -2.68
CE MSE A 280 21.05 2.70 -3.32
CE MSE A 280 20.29 4.48 -1.26
N GLY A 281 14.90 1.84 -2.60
CA GLY A 281 13.93 1.69 -1.52
C GLY A 281 13.02 0.55 -1.86
N PRO A 282 12.00 0.29 -1.02
CA PRO A 282 11.10 -0.81 -1.29
C PRO A 282 10.27 -0.52 -2.52
N GLY A 283 9.89 -1.57 -3.25
CA GLY A 283 9.03 -1.44 -4.42
C GLY A 283 9.72 -0.91 -5.68
N LYS A 284 8.91 -0.69 -6.70
CA LYS A 284 9.40 -0.21 -8.00
C LYS A 284 8.56 0.94 -8.52
N VAL A 285 7.93 1.70 -7.62
CA VAL A 285 7.04 2.78 -8.01
C VAL A 285 7.71 3.86 -8.87
N LEU A 286 8.83 4.39 -8.41
CA LEU A 286 9.51 5.46 -9.16
C LEU A 286 10.11 4.96 -10.46
N THR A 287 10.45 3.68 -10.52
CA THR A 287 11.02 3.09 -11.72
C THR A 287 9.99 3.22 -12.87
N GLY A 288 8.72 2.97 -12.56
CA GLY A 288 7.64 3.12 -13.52
C GLY A 288 7.36 4.55 -13.97
N LEU A 289 7.53 5.53 -13.09
CA LEU A 289 7.37 6.91 -13.46
C LEU A 289 8.48 7.34 -14.41
N THR A 290 9.73 6.93 -14.17
CA THR A 290 10.86 7.32 -15.03
C THR A 290 10.57 6.98 -16.49
N LYS A 291 10.08 5.76 -16.70
CA LYS A 291 9.68 5.25 -18.00
C LYS A 291 8.73 6.22 -18.73
N ARG A 292 7.84 6.84 -17.97
CA ARG A 292 6.85 7.76 -18.54
C ARG A 292 7.30 9.21 -18.67
N ILE A 293 8.51 9.53 -18.20
CA ILE A 293 9.07 10.87 -18.27
C ILE A 293 10.16 10.95 -19.36
N VAL A 294 11.18 10.10 -19.24
CA VAL A 294 12.24 9.97 -20.28
C VAL A 294 12.54 8.47 -20.30
N LYS A 295 12.11 7.77 -21.35
CA LYS A 295 12.22 6.29 -21.42
C LYS A 295 13.62 5.73 -21.18
N THR A 296 14.60 6.37 -21.80
CA THR A 296 15.97 5.91 -21.70
C THR A 296 16.63 6.10 -20.33
N LEU A 297 16.02 6.85 -19.41
N LEU A 297 15.98 6.83 -19.42
CA LEU A 297 16.60 6.99 -18.06
CA LEU A 297 16.51 7.04 -18.07
C LEU A 297 16.18 5.87 -17.10
C LEU A 297 16.18 5.88 -17.12
N GLU A 298 15.37 4.92 -17.56
CA GLU A 298 14.95 3.82 -16.68
C GLU A 298 16.12 2.93 -16.29
N GLY A 299 16.49 2.95 -15.01
N GLY A 299 16.36 2.88 -14.97
CA GLY A 299 17.64 2.16 -14.55
CA GLY A 299 17.38 2.06 -14.39
C GLY A 299 17.23 1.02 -13.65
C GLY A 299 16.71 0.95 -13.60
N VAL A 300 18.20 0.23 -13.23
N VAL A 300 17.35 0.53 -12.53
CA VAL A 300 17.92 -0.89 -12.33
CA VAL A 300 16.81 -0.58 -11.77
C VAL A 300 17.31 -0.40 -11.00
C VAL A 300 16.34 -0.15 -10.41
N ALA A 301 16.51 -1.25 -10.35
N ALA A 301 15.67 -1.06 -9.74
CA ALA A 301 15.87 -0.98 -9.04
CA ALA A 301 15.31 -0.83 -8.39
C ALA A 301 16.72 -1.66 -7.92
C ALA A 301 16.27 -1.69 -7.62
N VAL A 302 17.00 -1.03 -6.75
CA VAL A 302 17.88 -1.72 -5.78
C VAL A 302 17.23 -1.81 -4.41
N ASN A 303 16.85 -3.01 -3.99
CA ASN A 303 16.26 -3.18 -2.65
C ASN A 303 16.32 -4.53 -2.02
N ASP A 304 16.95 -5.49 -2.68
CA ASP A 304 17.09 -6.82 -2.11
C ASP A 304 18.48 -7.31 -2.46
N VAL A 305 18.84 -8.47 -1.95
CA VAL A 305 20.17 -8.96 -2.15
C VAL A 305 20.52 -9.15 -3.63
N ALA A 306 19.61 -9.73 -4.39
CA ALA A 306 19.92 -10.04 -5.79
C ALA A 306 20.20 -8.77 -6.59
N SER A 307 19.42 -7.73 -6.33
CA SER A 307 19.56 -6.51 -7.09
C SER A 307 20.91 -5.78 -6.83
N LEU A 308 21.56 -6.03 -5.69
CA LEU A 308 22.84 -5.39 -5.46
C LEU A 308 23.85 -5.77 -6.58
N ASP A 309 23.63 -6.91 -7.25
CA ASP A 309 24.50 -7.34 -8.37
C ASP A 309 24.44 -6.43 -9.60
N ALA A 310 23.27 -5.86 -9.84
CA ALA A 310 23.04 -4.94 -10.96
C ALA A 310 23.86 -3.67 -10.85
N VAL A 311 24.24 -3.31 -9.63
CA VAL A 311 24.99 -2.10 -9.38
C VAL A 311 26.43 -2.31 -8.93
N LYS A 312 26.88 -3.57 -8.88
CA LYS A 312 28.26 -3.89 -8.50
C LYS A 312 29.19 -3.79 -9.70
N SER B 7 -0.97 -33.94 5.24
CA SER B 7 0.04 -32.83 5.21
C SER B 7 -0.02 -32.05 6.52
N LYS B 8 1.12 -31.50 6.93
CA LYS B 8 1.21 -30.70 8.14
C LYS B 8 1.37 -29.20 7.84
N PHE B 9 1.08 -28.79 6.62
CA PHE B 9 1.10 -27.36 6.30
C PHE B 9 -0.12 -26.96 5.52
N ALA B 10 -0.42 -25.67 5.62
CA ALA B 10 -1.53 -25.09 4.88
C ALA B 10 -1.00 -23.93 4.04
N ILE B 11 -1.77 -23.53 3.03
CA ILE B 11 -1.46 -22.37 2.19
C ILE B 11 -2.59 -21.36 2.33
N VAL B 12 -2.21 -20.11 2.56
CA VAL B 12 -3.14 -19.02 2.72
C VAL B 12 -2.83 -17.91 1.72
N PHE B 13 -3.87 -17.22 1.31
CA PHE B 13 -3.78 -16.22 0.26
C PHE B 13 -4.22 -14.84 0.78
N PRO B 14 -3.40 -13.81 0.50
CA PRO B 14 -3.72 -12.46 0.96
C PRO B 14 -4.71 -11.74 0.08
N GLY B 15 -5.23 -10.64 0.61
CA GLY B 15 -6.16 -9.80 -0.12
C GLY B 15 -5.69 -8.38 -0.27
N GLN B 16 -6.67 -7.50 -0.48
CA GLN B 16 -6.43 -6.09 -0.71
C GLN B 16 -5.40 -5.51 0.26
N GLY B 17 -4.45 -4.78 -0.32
CA GLY B 17 -3.38 -4.12 0.45
C GLY B 17 -2.02 -4.77 0.25
N SER B 18 -2.04 -6.05 -0.10
CA SER B 18 -0.79 -6.80 -0.31
C SER B 18 -0.11 -6.54 -1.65
N GLN B 19 -0.84 -5.92 -2.57
CA GLN B 19 -0.28 -5.63 -3.88
C GLN B 19 0.87 -4.64 -3.79
N ALA B 20 1.81 -4.76 -4.71
CA ALA B 20 2.93 -3.86 -4.81
C ALA B 20 3.39 -3.79 -6.24
N VAL B 21 3.73 -2.60 -6.71
CA VAL B 21 4.30 -2.46 -8.05
C VAL B 21 5.63 -3.22 -8.09
N GLY B 22 5.78 -4.09 -9.09
CA GLY B 22 6.98 -4.88 -9.23
C GLY B 22 6.88 -6.29 -8.66
N MSE B 23 5.76 -6.60 -8.02
CA MSE B 23 5.59 -7.92 -7.43
C MSE B 23 5.76 -9.04 -8.48
O MSE B 23 5.36 -8.88 -9.63
CB MSE B 23 4.21 -8.06 -6.77
CG MSE B 23 3.07 -7.94 -7.65
SE MSE B 23 1.41 -8.12 -6.60
CE MSE B 23 0.11 -7.88 -7.99
N LEU B 24 6.36 -10.13 -8.01
CA LEU B 24 6.55 -11.36 -8.78
C LEU B 24 7.59 -11.27 -9.92
N ALA B 25 8.27 -10.13 -10.03
CA ALA B 25 9.29 -9.98 -11.09
C ALA B 25 10.34 -11.11 -11.09
N ASP B 26 10.93 -11.36 -9.92
CA ASP B 26 11.94 -12.40 -9.71
C ASP B 26 11.44 -13.81 -10.13
N LEU B 27 10.21 -14.15 -9.74
N LEU B 27 10.22 -14.18 -9.73
CA LEU B 27 9.64 -15.44 -10.04
CA LEU B 27 9.66 -15.47 -10.10
C LEU B 27 9.34 -15.60 -11.54
C LEU B 27 9.45 -15.58 -11.59
N ALA B 28 8.91 -14.51 -12.17
CA ALA B 28 8.60 -14.48 -13.59
C ALA B 28 9.83 -14.70 -14.44
N GLU B 29 10.98 -14.21 -13.97
CA GLU B 29 12.24 -14.40 -14.69
C GLU B 29 12.61 -15.87 -14.81
N GLN B 30 12.20 -16.67 -13.84
CA GLN B 30 12.57 -18.09 -13.77
C GLN B 30 11.50 -19.07 -14.23
N TYR B 31 10.23 -18.70 -14.11
CA TYR B 31 9.13 -19.58 -14.44
C TYR B 31 8.15 -18.95 -15.40
N ALA B 32 8.08 -19.51 -16.60
CA ALA B 32 7.20 -19.00 -17.65
C ALA B 32 5.72 -19.04 -17.26
N VAL B 33 5.34 -19.95 -16.35
CA VAL B 33 3.94 -20.02 -15.95
C VAL B 33 3.43 -18.73 -15.30
N VAL B 34 4.32 -17.90 -14.75
CA VAL B 34 3.89 -16.62 -14.15
C VAL B 34 3.32 -15.70 -15.26
N LYS B 35 4.11 -15.38 -16.27
CA LYS B 35 3.61 -14.51 -17.34
C LYS B 35 2.44 -15.18 -18.11
N GLN B 36 2.44 -16.49 -18.22
CA GLN B 36 1.31 -17.19 -18.86
C GLN B 36 0.01 -16.97 -18.08
N THR B 37 0.09 -17.01 -16.76
CA THR B 37 -1.10 -16.80 -15.91
C THR B 37 -1.65 -15.39 -16.08
N PHE B 38 -0.76 -14.39 -16.05
CA PHE B 38 -1.14 -13.01 -16.23
C PHE B 38 -1.68 -12.75 -17.62
N ALA B 39 -1.13 -13.45 -18.62
CA ALA B 39 -1.63 -13.33 -19.99
C ALA B 39 -3.08 -13.82 -20.09
N GLU B 40 -3.40 -14.94 -19.46
N GLU B 40 -3.38 -14.95 -19.45
CA GLU B 40 -4.78 -15.43 -19.44
CA GLU B 40 -4.73 -15.48 -19.40
C GLU B 40 -5.68 -14.39 -18.82
C GLU B 40 -5.68 -14.46 -18.79
N ALA B 41 -5.25 -13.84 -17.68
CA ALA B 41 -6.04 -12.82 -16.98
C ALA B 41 -6.28 -11.61 -17.87
N SER B 42 -5.22 -11.17 -18.56
CA SER B 42 -5.33 -10.02 -19.46
C SER B 42 -6.31 -10.23 -20.61
N GLU B 43 -6.34 -11.45 -21.16
CA GLU B 43 -7.29 -11.79 -22.22
C GLU B 43 -8.73 -11.53 -21.78
N VAL B 44 -9.10 -11.86 -20.55
N VAL B 44 -9.02 -11.89 -20.54
CA VAL B 44 -10.50 -11.63 -20.12
CA VAL B 44 -10.33 -11.71 -19.93
C VAL B 44 -10.75 -10.23 -19.55
C VAL B 44 -10.65 -10.24 -19.72
N LEU B 45 -9.68 -9.55 -19.12
CA LEU B 45 -9.82 -8.18 -18.64
C LEU B 45 -9.80 -7.13 -19.74
N GLY B 46 -9.11 -7.40 -20.84
CA GLY B 46 -9.03 -6.42 -21.94
C GLY B 46 -7.93 -5.40 -21.75
N TYR B 47 -7.03 -5.66 -20.80
CA TYR B 47 -5.84 -4.81 -20.66
C TYR B 47 -4.69 -5.65 -20.17
N ASP B 48 -3.48 -5.11 -20.24
CA ASP B 48 -2.31 -5.87 -19.85
C ASP B 48 -2.09 -5.78 -18.36
N LEU B 49 -2.54 -6.81 -17.66
CA LEU B 49 -2.46 -6.84 -16.21
C LEU B 49 -1.02 -6.93 -15.69
N TRP B 50 -0.16 -7.68 -16.41
CA TRP B 50 1.26 -7.80 -16.03
C TRP B 50 1.95 -6.45 -16.08
N ALA B 51 1.70 -5.71 -17.16
CA ALA B 51 2.27 -4.38 -17.32
C ALA B 51 1.81 -3.44 -16.19
N LEU B 52 0.53 -3.51 -15.82
CA LEU B 52 0.02 -2.69 -14.71
C LEU B 52 0.73 -3.00 -13.39
N VAL B 53 0.90 -4.30 -13.13
CA VAL B 53 1.55 -4.75 -11.91
C VAL B 53 3.03 -4.38 -11.86
N GLN B 54 3.73 -4.45 -12.99
CA GLN B 54 5.15 -4.14 -13.03
C GLN B 54 5.47 -2.65 -13.11
N ASP B 55 4.61 -1.89 -13.79
CA ASP B 55 4.88 -0.48 -14.05
C ASP B 55 4.02 0.53 -13.32
N GLY B 56 2.81 0.14 -12.95
CA GLY B 56 1.82 1.06 -12.41
C GLY B 56 1.00 1.55 -13.59
N PRO B 57 0.29 2.68 -13.44
CA PRO B 57 0.31 3.57 -12.30
C PRO B 57 -0.21 2.91 -11.04
N VAL B 58 0.39 3.22 -9.90
N VAL B 58 0.41 3.26 -9.92
CA VAL B 58 -0.01 2.55 -8.68
CA VAL B 58 0.07 2.75 -8.60
C VAL B 58 -1.43 2.94 -8.24
C VAL B 58 -1.40 2.96 -8.26
N GLU B 59 -1.87 4.17 -8.57
CA GLU B 59 -3.22 4.58 -8.20
C GLU B 59 -4.25 3.71 -8.88
N ASP B 60 -3.97 3.28 -10.11
CA ASP B 60 -4.84 2.36 -10.82
C ASP B 60 -4.76 0.94 -10.25
N LEU B 61 -3.55 0.49 -9.91
CA LEU B 61 -3.39 -0.84 -9.31
C LEU B 61 -4.14 -0.95 -7.99
N ASN B 62 -4.19 0.15 -7.24
CA ASN B 62 -4.84 0.19 -5.94
C ASN B 62 -6.37 0.29 -5.98
N GLN B 63 -6.97 0.52 -7.15
CA GLN B 63 -8.44 0.56 -7.28
C GLN B 63 -8.87 -0.88 -7.15
N THR B 64 -9.84 -1.14 -6.28
CA THR B 64 -10.17 -2.51 -5.95
C THR B 64 -10.57 -3.40 -7.14
N PHE B 65 -11.23 -2.85 -8.15
CA PHE B 65 -11.63 -3.64 -9.30
C PHE B 65 -10.42 -4.08 -10.17
N ARG B 66 -9.24 -3.48 -9.93
CA ARG B 66 -7.98 -3.93 -10.57
C ARG B 66 -7.10 -4.72 -9.58
N THR B 67 -7.10 -4.31 -8.32
CA THR B 67 -6.33 -5.00 -7.32
C THR B 67 -6.75 -6.45 -7.17
N GLN B 68 -8.05 -6.67 -7.18
CA GLN B 68 -8.58 -8.02 -6.99
C GLN B 68 -8.09 -9.01 -8.06
N PRO B 69 -8.27 -8.69 -9.35
CA PRO B 69 -7.71 -9.61 -10.34
C PRO B 69 -6.18 -9.67 -10.33
N ALA B 70 -5.52 -8.55 -10.00
CA ALA B 70 -4.05 -8.58 -9.91
C ALA B 70 -3.59 -9.58 -8.83
N LEU B 71 -4.21 -9.55 -7.66
CA LEU B 71 -3.85 -10.44 -6.56
C LEU B 71 -4.22 -11.89 -6.84
N LEU B 72 -5.38 -12.09 -7.46
N LEU B 72 -5.39 -12.11 -7.46
CA LEU B 72 -5.83 -13.42 -7.84
CA LEU B 72 -5.80 -13.46 -7.82
C LEU B 72 -4.83 -14.06 -8.82
C LEU B 72 -4.76 -14.05 -8.79
N ALA B 73 -4.42 -13.31 -9.83
CA ALA B 73 -3.44 -13.77 -10.81
C ALA B 73 -2.07 -14.06 -10.15
N ALA B 74 -1.66 -13.15 -9.25
CA ALA B 74 -0.42 -13.33 -8.53
C ALA B 74 -0.39 -14.64 -7.72
N SER B 75 -1.44 -14.90 -6.94
CA SER B 75 -1.47 -16.09 -6.11
C SER B 75 -1.58 -17.37 -6.93
N VAL B 76 -2.41 -17.33 -7.96
CA VAL B 76 -2.58 -18.50 -8.84
C VAL B 76 -1.26 -18.79 -9.59
N ALA B 77 -0.53 -17.77 -10.02
CA ALA B 77 0.76 -17.93 -10.66
C ALA B 77 1.73 -18.65 -9.72
N ILE B 78 1.78 -18.25 -8.45
CA ILE B 78 2.70 -18.89 -7.50
C ILE B 78 2.26 -20.37 -7.27
N TRP B 79 0.95 -20.57 -7.15
CA TRP B 79 0.38 -21.91 -7.02
C TRP B 79 0.80 -22.78 -8.19
N ARG B 80 0.71 -22.21 -9.38
CA ARG B 80 1.11 -22.96 -10.57
C ARG B 80 2.58 -23.34 -10.59
N VAL B 81 3.44 -22.45 -10.06
CA VAL B 81 4.86 -22.80 -9.94
C VAL B 81 5.02 -23.97 -8.95
N TRP B 82 4.33 -23.90 -7.82
CA TRP B 82 4.37 -24.95 -6.79
C TRP B 82 3.99 -26.32 -7.38
N GLN B 83 2.93 -26.33 -8.17
CA GLN B 83 2.44 -27.55 -8.79
C GLN B 83 3.40 -28.05 -9.85
N GLN B 84 3.98 -27.11 -10.63
CA GLN B 84 4.95 -27.47 -11.68
C GLN B 84 6.16 -28.20 -11.07
N LEU B 85 6.58 -27.78 -9.88
CA LEU B 85 7.72 -28.41 -9.20
C LEU B 85 7.31 -29.68 -8.46
N GLY B 86 6.04 -30.06 -8.54
CA GLY B 86 5.56 -31.28 -7.90
C GLY B 86 5.74 -31.28 -6.40
N LEU B 87 5.74 -30.09 -5.81
CA LEU B 87 5.89 -29.94 -4.36
C LEU B 87 4.67 -30.52 -3.66
N GLU B 88 4.89 -31.06 -2.46
CA GLU B 88 3.85 -31.66 -1.64
C GLU B 88 2.57 -30.79 -1.58
N GLN B 89 1.40 -31.41 -1.50
N GLN B 89 1.41 -31.41 -1.48
CA GLN B 89 0.13 -30.67 -1.42
CA GLN B 89 0.14 -30.69 -1.41
C GLN B 89 -0.17 -30.20 0.00
C GLN B 89 -0.15 -30.19 0.02
N PRO B 90 -0.75 -28.99 0.13
CA PRO B 90 -1.13 -28.48 1.43
C PRO B 90 -2.36 -29.24 1.93
N ALA B 91 -2.48 -29.34 3.25
CA ALA B 91 -3.63 -30.02 3.86
C ALA B 91 -4.98 -29.32 3.66
N VAL B 92 -4.94 -27.99 3.60
CA VAL B 92 -6.08 -27.12 3.54
C VAL B 92 -5.61 -25.77 3.05
N LEU B 93 -6.56 -25.03 2.47
CA LEU B 93 -6.37 -23.69 1.97
C LEU B 93 -7.36 -22.72 2.61
N ALA B 94 -6.98 -21.44 2.65
CA ALA B 94 -7.92 -20.38 3.07
C ALA B 94 -7.35 -19.06 2.57
N GLY B 95 -8.17 -18.02 2.54
CA GLY B 95 -7.65 -16.73 2.10
C GLY B 95 -8.46 -15.62 2.71
N HIS B 96 -7.86 -14.44 2.80
CA HIS B 96 -8.50 -13.31 3.46
C HIS B 96 -9.28 -12.45 2.48
N SER B 97 -10.60 -12.61 2.51
N SER B 97 -10.60 -12.54 2.53
CA SER B 97 -11.56 -11.85 1.67
CA SER B 97 -11.50 -11.74 1.68
C SER B 97 -11.31 -12.16 0.18
C SER B 97 -11.29 -12.14 0.21
N LEU B 98 -10.62 -11.30 -0.58
CA LEU B 98 -10.30 -11.67 -1.97
C LEU B 98 -9.53 -13.01 -2.01
N GLY B 99 -8.62 -13.21 -1.04
CA GLY B 99 -7.85 -14.44 -0.98
C GLY B 99 -8.66 -15.73 -1.00
N GLU B 100 -9.91 -15.67 -0.56
CA GLU B 100 -10.79 -16.86 -0.57
C GLU B 100 -11.01 -17.29 -2.00
N TYR B 101 -11.13 -16.32 -2.91
CA TYR B 101 -11.31 -16.61 -4.35
C TYR B 101 -10.06 -17.30 -4.90
N SER B 102 -8.89 -16.80 -4.53
CA SER B 102 -7.62 -17.43 -4.90
C SER B 102 -7.59 -18.89 -4.43
N ALA B 103 -7.98 -19.13 -3.18
CA ALA B 103 -8.04 -20.49 -2.62
C ALA B 103 -8.97 -21.39 -3.44
N LEU B 104 -10.15 -20.86 -3.81
CA LEU B 104 -11.15 -21.61 -4.58
C LEU B 104 -10.66 -21.97 -5.98
N VAL B 105 -9.93 -21.08 -6.63
CA VAL B 105 -9.34 -21.40 -7.91
C VAL B 105 -8.30 -22.51 -7.75
N CYS B 106 -7.40 -22.35 -6.80
CA CYS B 106 -6.35 -23.36 -6.58
C CYS B 106 -6.92 -24.74 -6.21
N ALA B 107 -8.07 -24.76 -5.54
CA ALA B 107 -8.76 -25.99 -5.18
C ALA B 107 -9.61 -26.54 -6.31
N GLY B 108 -9.59 -25.88 -7.48
CA GLY B 108 -10.33 -26.37 -8.62
C GLY B 108 -11.82 -26.13 -8.60
N VAL B 109 -12.27 -25.20 -7.74
CA VAL B 109 -13.70 -24.90 -7.63
C VAL B 109 -14.18 -23.97 -8.73
N ILE B 110 -13.37 -22.95 -9.00
CA ILE B 110 -13.70 -21.93 -10.01
C ILE B 110 -12.64 -21.92 -11.11
N ASP B 111 -13.08 -21.83 -12.35
CA ASP B 111 -12.18 -21.70 -13.49
C ASP B 111 -11.44 -20.34 -13.34
N PHE B 112 -10.14 -20.34 -13.58
CA PHE B 112 -9.34 -19.15 -13.38
C PHE B 112 -9.81 -17.93 -14.17
N LYS B 113 -9.98 -18.10 -15.48
N LYS B 113 -9.99 -18.10 -15.46
CA LYS B 113 -10.45 -16.99 -16.31
CA LYS B 113 -10.43 -16.98 -16.31
C LYS B 113 -11.78 -16.45 -15.82
C LYS B 113 -11.82 -16.45 -15.91
N GLN B 114 -12.71 -17.35 -15.49
CA GLN B 114 -14.00 -16.90 -14.97
C GLN B 114 -13.84 -16.22 -13.61
N ALA B 115 -12.93 -16.71 -12.77
CA ALA B 115 -12.67 -16.08 -11.46
C ALA B 115 -12.13 -14.67 -11.62
N ILE B 116 -11.30 -14.44 -12.64
CA ILE B 116 -10.72 -13.10 -12.86
C ILE B 116 -11.83 -12.09 -13.16
N LYS B 117 -12.76 -12.44 -14.04
N LYS B 117 -12.75 -12.48 -14.03
CA LYS B 117 -13.88 -11.56 -14.34
CA LYS B 117 -13.91 -11.69 -14.42
C LYS B 117 -14.77 -11.39 -13.11
C LYS B 117 -14.80 -11.44 -13.18
N LEU B 118 -14.96 -12.48 -12.38
CA LEU B 118 -15.79 -12.42 -11.18
C LEU B 118 -15.26 -11.44 -10.14
N VAL B 119 -13.94 -11.46 -9.89
CA VAL B 119 -13.39 -10.60 -8.84
C VAL B 119 -13.27 -9.16 -9.34
N GLU B 120 -13.09 -8.96 -10.65
CA GLU B 120 -13.19 -7.61 -11.20
C GLU B 120 -14.60 -7.05 -10.90
N LEU B 121 -15.64 -7.86 -11.19
CA LEU B 121 -17.01 -7.45 -10.90
C LEU B 121 -17.22 -7.20 -9.41
N ARG B 122 -16.68 -8.09 -8.58
CA ARG B 122 -16.83 -7.96 -7.13
C ARG B 122 -16.27 -6.59 -6.70
N GLY B 123 -15.11 -6.23 -7.22
CA GLY B 123 -14.51 -4.91 -6.91
C GLY B 123 -15.39 -3.75 -7.37
N GLN B 124 -15.96 -3.86 -8.57
CA GLN B 124 -16.82 -2.80 -9.10
C GLN B 124 -18.06 -2.63 -8.20
N LEU B 125 -18.70 -3.75 -7.86
CA LEU B 125 -19.89 -3.72 -7.00
C LEU B 125 -19.58 -3.13 -5.62
N MSE B 126 -18.44 -3.48 -5.06
CA MSE B 126 -18.05 -2.93 -3.75
C MSE B 126 -17.86 -1.42 -3.82
O MSE B 126 -18.32 -0.69 -2.93
CB MSE B 126 -16.80 -3.64 -3.23
CG MSE B 126 -17.06 -5.11 -2.91
SE MSE B 126 -15.40 -6.02 -2.44
CE MSE B 126 -14.71 -4.72 -1.17
N GLN B 127 -17.23 -0.92 -4.88
N GLN B 127 -17.19 -0.99 -4.88
CA GLN B 127 -17.01 0.52 -5.01
CA GLN B 127 -16.86 0.41 -5.10
C GLN B 127 -18.32 1.31 -5.19
C GLN B 127 -18.09 1.31 -5.30
N GLN B 128 -19.25 0.74 -5.94
N GLN B 128 -19.18 0.75 -5.83
CA GLN B 128 -20.53 1.36 -6.22
CA GLN B 128 -20.40 1.53 -6.08
C GLN B 128 -21.59 1.12 -5.13
C GLN B 128 -21.52 1.26 -5.05
N ALA B 129 -21.23 0.43 -4.04
CA ALA B 129 -22.24 0.07 -3.03
C ALA B 129 -22.88 1.19 -2.23
N VAL B 130 -22.06 2.06 -1.65
CA VAL B 130 -22.57 3.20 -0.89
C VAL B 130 -21.91 4.48 -1.43
N PRO B 131 -22.61 5.63 -1.33
CA PRO B 131 -21.99 6.87 -1.81
C PRO B 131 -20.72 7.16 -1.04
N ALA B 132 -19.67 7.57 -1.75
CA ALA B 132 -18.36 7.82 -1.11
C ALA B 132 -18.54 8.82 0.03
N GLY B 133 -17.81 8.61 1.12
CA GLY B 133 -17.91 9.45 2.30
C GLY B 133 -19.01 9.05 3.28
N THR B 134 -19.87 8.11 2.91
CA THR B 134 -20.95 7.67 3.81
C THR B 134 -20.54 6.47 4.67
N GLY B 135 -19.52 5.75 4.24
CA GLY B 135 -18.97 4.62 4.99
C GLY B 135 -17.62 4.92 5.64
N ALA B 136 -17.24 4.12 6.62
CA ALA B 136 -15.94 4.24 7.26
C ALA B 136 -15.48 2.91 7.81
N MSE B 137 -14.16 2.80 8.02
N MSE B 137 -14.19 2.86 8.11
CA MSE B 137 -13.56 1.62 8.63
CA MSE B 137 -13.57 1.67 8.64
C MSE B 137 -12.53 2.10 9.66
C MSE B 137 -12.51 2.09 9.65
O MSE B 137 -11.84 3.11 9.43
O MSE B 137 -11.73 3.02 9.37
CB MSE B 137 -12.86 0.71 7.60
CB MSE B 137 -12.94 0.87 7.52
CG MSE B 137 -13.76 0.15 6.48
CG MSE B 137 -12.21 -0.36 7.96
SE MSE B 137 -12.94 -1.34 5.44
SE MSE B 137 -11.53 -1.31 6.40
CE MSE B 137 -12.90 -2.69 6.84
CE MSE B 137 -13.23 -2.05 5.79
N TYR B 138 -12.47 1.41 10.80
CA TYR B 138 -11.51 1.72 11.87
C TYR B 138 -10.82 0.44 12.34
N ALA B 139 -9.51 0.53 12.59
CA ALA B 139 -8.82 -0.58 13.18
C ALA B 139 -8.81 -0.34 14.69
N ILE B 140 -9.31 -1.31 15.46
CA ILE B 140 -9.33 -1.22 16.92
C ILE B 140 -8.28 -2.19 17.44
N ILE B 141 -7.29 -1.64 18.14
N ILE B 141 -7.30 -1.64 18.15
CA ILE B 141 -6.17 -2.42 18.67
CA ILE B 141 -6.18 -2.40 18.68
C ILE B 141 -6.19 -2.51 20.19
C ILE B 141 -6.19 -2.50 20.20
N GLY B 142 -5.93 -3.70 20.70
CA GLY B 142 -5.83 -3.94 22.14
C GLY B 142 -7.12 -4.02 22.92
N LEU B 143 -8.21 -4.43 22.27
CA LEU B 143 -9.47 -4.57 22.96
C LEU B 143 -10.07 -5.94 22.61
N GLU B 144 -10.62 -6.59 23.62
CA GLU B 144 -11.22 -7.92 23.48
C GLU B 144 -12.44 -7.86 22.55
N ASP B 145 -12.62 -8.90 21.74
CA ASP B 145 -13.76 -8.97 20.79
C ASP B 145 -15.12 -8.62 21.43
N GLU B 146 -15.39 -9.17 22.62
CA GLU B 146 -16.65 -8.91 23.33
C GLU B 146 -16.86 -7.41 23.62
N ALA B 147 -15.81 -6.70 24.02
CA ALA B 147 -15.93 -5.27 24.33
C ALA B 147 -16.19 -4.46 23.07
N ILE B 148 -15.57 -4.87 21.95
CA ILE B 148 -15.76 -4.20 20.67
C ILE B 148 -17.18 -4.40 20.18
N ALA B 149 -17.68 -5.63 20.29
CA ALA B 149 -19.07 -5.94 19.89
C ALA B 149 -20.04 -5.07 20.66
N LYS B 150 -19.77 -4.89 21.95
CA LYS B 150 -20.62 -4.09 22.81
C LYS B 150 -20.55 -2.62 22.41
N ALA B 151 -19.32 -2.14 22.14
CA ALA B 151 -19.11 -0.78 21.72
C ALA B 151 -19.89 -0.51 20.42
N CYS B 152 -19.81 -1.44 19.46
CA CYS B 152 -20.55 -1.29 18.20
C CYS B 152 -22.07 -1.27 18.42
N ALA B 153 -22.57 -2.17 19.28
CA ALA B 153 -24.01 -2.25 19.56
C ALA B 153 -24.54 -0.96 20.15
N ASP B 154 -23.80 -0.39 21.10
CA ASP B 154 -24.17 0.87 21.75
C ASP B 154 -24.06 2.08 20.81
N ALA B 155 -23.08 2.05 19.89
CA ALA B 155 -22.85 3.14 18.94
C ALA B 155 -23.84 3.18 17.78
N ALA B 156 -24.36 2.01 17.42
CA ALA B 156 -25.17 1.85 16.23
C ALA B 156 -26.31 2.87 16.09
N GLN B 157 -27.19 2.89 17.08
CA GLN B 157 -28.32 3.81 17.12
C GLN B 157 -29.08 3.85 15.79
N GLY B 158 -29.43 2.67 15.30
CA GLY B 158 -30.24 2.54 14.09
C GLY B 158 -29.45 2.39 12.82
N GLU B 159 -28.14 2.60 12.90
CA GLU B 159 -27.26 2.52 11.75
C GLU B 159 -26.39 1.28 11.79
N VAL B 160 -25.70 1.03 10.69
N VAL B 160 -25.70 1.01 10.69
CA VAL B 160 -24.81 -0.12 10.58
CA VAL B 160 -24.84 -0.16 10.63
C VAL B 160 -23.42 0.17 11.16
C VAL B 160 -23.43 0.15 11.16
N VAL B 161 -22.97 -0.66 12.09
CA VAL B 161 -21.60 -0.59 12.63
C VAL B 161 -21.36 -1.94 13.26
N SER B 162 -20.36 -2.65 12.76
N SER B 162 -20.35 -2.63 12.77
CA SER B 162 -20.05 -3.97 13.27
CA SER B 162 -20.05 -3.96 13.24
C SER B 162 -18.59 -4.31 13.05
C SER B 162 -18.59 -4.33 13.03
N PRO B 163 -18.09 -5.32 13.79
CA PRO B 163 -16.78 -5.85 13.53
C PRO B 163 -16.85 -6.49 12.13
N VAL B 164 -15.83 -6.23 11.31
CA VAL B 164 -15.81 -6.75 9.95
C VAL B 164 -14.60 -7.65 9.67
N ASN B 165 -13.53 -7.56 10.47
CA ASN B 165 -12.38 -8.45 10.37
C ASN B 165 -11.93 -8.81 11.80
N PHE B 166 -11.76 -10.10 12.06
CA PHE B 166 -11.12 -10.60 13.27
C PHE B 166 -9.77 -11.14 12.78
N ASN B 167 -8.72 -10.32 12.83
CA ASN B 167 -7.42 -10.62 12.23
C ASN B 167 -6.39 -11.26 13.14
N SER B 168 -6.37 -10.82 14.37
CA SER B 168 -5.55 -11.46 15.39
C SER B 168 -6.11 -11.03 16.74
N PRO B 169 -5.72 -11.71 17.83
CA PRO B 169 -6.15 -11.24 19.15
C PRO B 169 -5.72 -9.77 19.34
N GLY B 170 -6.64 -8.86 19.59
CA GLY B 170 -6.26 -7.46 19.71
C GLY B 170 -6.10 -6.70 18.40
N GLN B 171 -6.43 -7.32 17.26
CA GLN B 171 -6.44 -6.63 15.96
C GLN B 171 -7.78 -6.92 15.29
N VAL B 172 -8.70 -5.96 15.40
CA VAL B 172 -10.04 -6.12 14.85
C VAL B 172 -10.39 -4.88 14.08
N VAL B 173 -11.04 -5.05 12.94
CA VAL B 173 -11.44 -3.92 12.13
C VAL B 173 -12.96 -3.80 12.22
N ILE B 174 -13.50 -2.59 12.37
CA ILE B 174 -14.93 -2.37 12.39
C ILE B 174 -15.27 -1.51 11.19
N ALA B 175 -16.53 -1.57 10.73
CA ALA B 175 -16.94 -0.75 9.60
C ALA B 175 -18.43 -0.55 9.61
N GLY B 176 -18.86 0.35 8.75
CA GLY B 176 -20.27 0.67 8.61
C GLY B 176 -20.47 2.13 8.24
N GLN B 177 -21.59 2.69 8.67
CA GLN B 177 -21.93 4.09 8.39
C GLN B 177 -20.90 4.97 9.12
N LYS B 178 -20.42 6.00 8.45
CA LYS B 178 -19.33 6.82 8.99
C LYS B 178 -19.53 7.33 10.43
N ASP B 179 -20.64 8.00 10.69
CA ASP B 179 -20.87 8.53 12.04
C ASP B 179 -20.96 7.45 13.11
N ALA B 180 -21.60 6.34 12.79
CA ALA B 180 -21.71 5.19 13.70
C ALA B 180 -20.36 4.58 14.04
N VAL B 181 -19.51 4.42 13.03
CA VAL B 181 -18.15 3.92 13.20
C VAL B 181 -17.35 4.88 14.09
N GLU B 182 -17.53 6.19 13.86
CA GLU B 182 -16.85 7.21 14.65
C GLU B 182 -17.30 7.16 16.10
N ARG B 183 -18.61 7.00 16.33
CA ARG B 183 -19.12 6.86 17.70
C ARG B 183 -18.55 5.62 18.37
N ALA B 184 -18.47 4.51 17.62
CA ALA B 184 -17.91 3.24 18.11
C ALA B 184 -16.43 3.39 18.48
N GLY B 185 -15.67 4.15 17.70
CA GLY B 185 -14.26 4.39 18.00
C GLY B 185 -14.09 5.04 19.37
N VAL B 186 -14.91 6.05 19.63
CA VAL B 186 -14.89 6.72 20.93
C VAL B 186 -15.22 5.74 22.07
N LEU B 187 -16.29 4.97 21.90
CA LEU B 187 -16.64 3.96 22.89
C LEU B 187 -15.53 2.92 23.07
N CYS B 188 -14.86 2.50 22.00
N CYS B 188 -14.80 2.66 21.99
CA CYS B 188 -13.79 1.50 22.13
CA CYS B 188 -13.67 1.75 22.01
C CYS B 188 -12.65 2.06 22.96
C CYS B 188 -12.54 2.35 22.85
N LYS B 189 -12.33 3.33 22.71
N LYS B 189 -12.24 3.65 22.68
CA LYS B 189 -11.29 4.01 23.48
CA LYS B 189 -11.21 4.24 23.51
C LYS B 189 -11.69 4.08 24.96
C LYS B 189 -11.66 4.24 24.97
N GLU B 190 -12.94 4.50 25.21
CA GLU B 190 -13.43 4.57 26.61
C GLU B 190 -13.41 3.18 27.28
N ALA B 191 -13.54 2.12 26.49
CA ALA B 191 -13.49 0.74 26.99
C ALA B 191 -12.05 0.21 27.19
N GLY B 192 -11.04 1.00 26.82
CA GLY B 192 -9.64 0.60 27.00
C GLY B 192 -8.83 0.26 25.77
N ALA B 193 -9.36 0.43 24.58
CA ALA B 193 -8.57 0.15 23.39
C ALA B 193 -7.31 1.01 23.39
N LYS B 194 -6.21 0.41 22.95
CA LYS B 194 -4.93 1.11 22.87
C LYS B 194 -4.97 2.16 21.77
N ARG B 195 -5.53 1.79 20.63
CA ARG B 195 -5.63 2.69 19.50
C ARG B 195 -6.88 2.41 18.73
N ALA B 196 -7.42 3.45 18.11
CA ALA B 196 -8.58 3.33 17.25
C ALA B 196 -8.18 4.14 16.02
N LEU B 197 -7.81 3.45 14.94
CA LEU B 197 -7.23 4.11 13.78
C LEU B 197 -8.22 4.24 12.64
N PRO B 198 -8.48 5.49 12.19
CA PRO B 198 -9.40 5.60 11.06
C PRO B 198 -8.66 5.14 9.84
N LEU B 199 -9.26 4.23 9.07
CA LEU B 199 -8.59 3.71 7.89
C LEU B 199 -9.03 4.48 6.65
N PRO B 200 -8.07 4.85 5.80
CA PRO B 200 -8.40 5.60 4.61
C PRO B 200 -9.07 4.66 3.60
N VAL B 201 -10.40 4.60 3.66
CA VAL B 201 -11.17 3.76 2.73
C VAL B 201 -12.57 4.33 2.57
N SER B 202 -13.11 4.19 1.36
CA SER B 202 -14.47 4.63 1.05
C SER B 202 -15.50 3.48 1.19
N VAL B 203 -15.04 2.25 0.95
CA VAL B 203 -15.91 1.07 1.00
C VAL B 203 -15.96 0.44 2.40
N PRO B 204 -17.14 0.43 3.03
CA PRO B 204 -17.26 -0.22 4.34
C PRO B 204 -17.51 -1.71 4.12
N SER B 205 -16.44 -2.40 3.76
CA SER B 205 -16.48 -3.84 3.44
C SER B 205 -16.93 -4.70 4.61
N HIS B 206 -17.55 -5.82 4.26
CA HIS B 206 -17.92 -6.87 5.20
C HIS B 206 -18.92 -6.52 6.29
N CYS B 207 -19.79 -5.55 6.01
CA CYS B 207 -20.86 -5.23 6.95
C CYS B 207 -22.16 -5.19 6.15
N ALA B 208 -23.29 -5.03 6.86
CA ALA B 208 -24.63 -5.08 6.24
C ALA B 208 -24.86 -4.07 5.13
N LEU B 209 -24.08 -2.99 5.07
CA LEU B 209 -24.22 -2.04 3.96
C LEU B 209 -23.89 -2.63 2.58
N MSE B 210 -23.13 -3.73 2.57
N MSE B 210 -23.17 -3.74 2.57
CA MSE B 210 -22.76 -4.41 1.32
CA MSE B 210 -22.78 -4.41 1.33
C MSE B 210 -23.82 -5.41 0.85
C MSE B 210 -23.81 -5.43 0.86
O MSE B 210 -23.63 -6.05 -0.18
O MSE B 210 -23.61 -6.08 -0.17
CB MSE B 210 -21.45 -5.21 1.51
CB MSE B 210 -21.44 -5.14 1.54
CG MSE B 210 -20.12 -4.45 1.68
CG MSE B 210 -20.39 -4.29 2.22
SE MSE B 210 -19.49 -3.41 0.13
SE MSE B 210 -20.11 -2.63 1.27
CE MSE B 210 -20.39 -1.72 0.59
CE MSE B 210 -19.08 -3.30 -0.24
N LYS B 211 -24.91 -5.57 1.61
CA LYS B 211 -25.92 -6.57 1.27
C LYS B 211 -26.54 -6.39 -0.11
N PRO B 212 -26.92 -5.14 -0.49
CA PRO B 212 -27.43 -4.98 -1.85
C PRO B 212 -26.40 -5.39 -2.92
N ALA B 213 -25.13 -5.04 -2.74
CA ALA B 213 -24.05 -5.46 -3.64
C ALA B 213 -23.91 -7.00 -3.68
N ALA B 214 -24.08 -7.65 -2.52
CA ALA B 214 -24.03 -9.10 -2.46
C ALA B 214 -25.17 -9.73 -3.27
N ASP B 215 -26.34 -9.10 -3.22
CA ASP B 215 -27.50 -9.59 -3.96
C ASP B 215 -27.20 -9.55 -5.46
N GLU B 216 -26.46 -8.53 -5.89
CA GLU B 216 -26.08 -8.41 -7.29
C GLU B 216 -24.99 -9.44 -7.61
N LEU B 217 -24.05 -9.62 -6.70
CA LEU B 217 -23.00 -10.62 -6.92
C LEU B 217 -23.63 -12.04 -7.05
N ALA B 218 -24.67 -12.29 -6.27
CA ALA B 218 -25.40 -13.59 -6.33
C ALA B 218 -25.90 -13.87 -7.75
N LYS B 219 -26.38 -12.83 -8.44
CA LYS B 219 -26.87 -13.01 -9.80
C LYS B 219 -25.77 -13.49 -10.75
N THR B 220 -24.56 -12.96 -10.58
CA THR B 220 -23.42 -13.39 -11.37
C THR B 220 -22.96 -14.81 -11.02
N LEU B 221 -22.95 -15.13 -9.73
CA LEU B 221 -22.57 -16.49 -9.31
C LEU B 221 -23.52 -17.56 -9.87
N ALA B 222 -24.76 -17.18 -10.16
CA ALA B 222 -25.72 -18.12 -10.75
C ALA B 222 -25.33 -18.49 -12.19
N GLU B 223 -24.46 -17.71 -12.80
CA GLU B 223 -24.03 -17.92 -14.18
C GLU B 223 -22.67 -18.56 -14.35
N LEU B 224 -22.01 -18.93 -13.25
N LEU B 224 -22.06 -18.97 -13.24
CA LEU B 224 -20.67 -19.54 -13.30
CA LEU B 224 -20.69 -19.49 -13.21
C LEU B 224 -20.72 -20.90 -12.68
C LEU B 224 -20.65 -20.88 -12.61
N GLU B 225 -20.03 -21.85 -13.28
CA GLU B 225 -19.98 -23.20 -12.74
C GLU B 225 -18.95 -23.29 -11.63
N PHE B 226 -19.36 -23.86 -10.48
CA PHE B 226 -18.45 -24.20 -9.40
C PHE B 226 -18.42 -25.73 -9.27
N ASN B 227 -17.25 -26.29 -9.03
CA ASN B 227 -17.09 -27.70 -8.76
C ASN B 227 -16.65 -27.96 -7.33
N ALA B 228 -16.74 -29.21 -6.90
CA ALA B 228 -16.33 -29.57 -5.54
C ALA B 228 -14.82 -29.30 -5.34
N PRO B 229 -14.46 -28.82 -4.16
CA PRO B 229 -13.05 -28.54 -3.90
C PRO B 229 -12.19 -29.80 -3.89
N GLN B 230 -11.02 -29.68 -4.50
CA GLN B 230 -10.04 -30.76 -4.58
C GLN B 230 -9.16 -30.84 -3.35
N ILE B 231 -9.03 -29.71 -2.67
CA ILE B 231 -8.32 -29.56 -1.41
C ILE B 231 -9.29 -28.74 -0.55
N PRO B 232 -9.46 -29.07 0.72
CA PRO B 232 -10.43 -28.32 1.56
C PRO B 232 -10.13 -26.83 1.61
N VAL B 233 -11.18 -26.00 1.56
CA VAL B 233 -11.04 -24.56 1.67
C VAL B 233 -11.91 -24.09 2.83
N ILE B 234 -11.28 -23.47 3.84
CA ILE B 234 -12.01 -22.98 5.02
C ILE B 234 -12.53 -21.60 4.69
N ASN B 235 -13.85 -21.42 4.72
CA ASN B 235 -14.45 -20.14 4.35
C ASN B 235 -14.39 -19.08 5.48
N ASN B 236 -14.33 -17.81 5.10
CA ASN B 236 -14.22 -16.72 6.08
C ASN B 236 -15.49 -16.52 6.91
N VAL B 237 -16.64 -16.80 6.31
CA VAL B 237 -17.92 -16.41 6.92
C VAL B 237 -18.36 -17.36 8.03
N ASP B 238 -18.15 -18.65 7.80
CA ASP B 238 -18.56 -19.71 8.71
C ASP B 238 -17.41 -20.54 9.30
N VAL B 239 -16.19 -20.35 8.82
CA VAL B 239 -15.02 -21.13 9.26
C VAL B 239 -15.27 -22.65 9.01
N VAL B 240 -15.91 -22.94 7.88
CA VAL B 240 -16.27 -24.30 7.47
C VAL B 240 -15.58 -24.67 6.16
N ALA B 241 -15.09 -25.92 6.07
CA ALA B 241 -14.54 -26.49 4.84
C ALA B 241 -15.72 -27.08 4.05
N GLU B 242 -16.44 -26.20 3.37
CA GLU B 242 -17.65 -26.57 2.65
C GLU B 242 -17.30 -27.31 1.37
N THR B 243 -18.10 -28.33 1.04
CA THR B 243 -17.84 -29.13 -0.17
C THR B 243 -18.95 -28.98 -1.23
N ASP B 244 -20.14 -28.52 -0.84
CA ASP B 244 -21.27 -28.36 -1.78
C ASP B 244 -21.11 -27.07 -2.53
N PRO B 245 -20.95 -27.14 -3.87
CA PRO B 245 -20.67 -25.88 -4.61
C PRO B 245 -21.72 -24.78 -4.47
N VAL B 246 -22.99 -25.14 -4.35
CA VAL B 246 -23.99 -24.12 -4.13
C VAL B 246 -23.80 -23.43 -2.76
N LYS B 247 -23.37 -24.21 -1.77
CA LYS B 247 -23.11 -23.63 -0.45
C LYS B 247 -21.82 -22.80 -0.44
N ILE B 248 -20.86 -23.14 -1.29
CA ILE B 248 -19.65 -22.35 -1.48
C ILE B 248 -20.06 -20.98 -2.07
N LYS B 249 -20.89 -20.99 -3.10
CA LYS B 249 -21.41 -19.74 -3.67
C LYS B 249 -22.13 -18.91 -2.60
N ASP B 250 -22.97 -19.56 -1.80
CA ASP B 250 -23.67 -18.88 -0.70
C ASP B 250 -22.68 -18.28 0.28
N ALA B 251 -21.60 -19.00 0.56
CA ALA B 251 -20.60 -18.47 1.46
C ALA B 251 -19.92 -17.23 0.90
N LEU B 252 -19.72 -17.19 -0.42
CA LEU B 252 -19.15 -15.98 -1.04
C LEU B 252 -20.12 -14.80 -0.97
N ILE B 253 -21.40 -15.06 -1.18
CA ILE B 253 -22.42 -14.02 -1.13
C ILE B 253 -22.45 -13.44 0.29
N ARG B 254 -22.57 -14.33 1.27
CA ARG B 254 -22.61 -13.87 2.66
C ARG B 254 -21.30 -13.24 3.10
N GLN B 255 -20.18 -13.74 2.58
CA GLN B 255 -18.87 -13.19 2.95
C GLN B 255 -18.86 -11.69 2.72
N LEU B 256 -19.51 -11.23 1.67
CA LEU B 256 -19.42 -9.82 1.29
C LEU B 256 -19.95 -8.85 2.34
N TYR B 257 -20.96 -9.26 3.10
CA TYR B 257 -21.62 -8.40 4.10
C TYR B 257 -21.47 -8.90 5.55
N SER B 258 -20.56 -9.87 5.74
CA SER B 258 -20.34 -10.53 7.03
C SER B 258 -18.87 -10.46 7.43
N PRO B 259 -18.59 -10.59 8.73
CA PRO B 259 -17.18 -10.44 9.09
C PRO B 259 -16.27 -11.58 8.63
N VAL B 260 -15.02 -11.25 8.39
CA VAL B 260 -13.99 -12.19 8.01
C VAL B 260 -13.43 -12.73 9.34
N ARG B 261 -13.67 -14.01 9.61
CA ARG B 261 -13.30 -14.68 10.86
C ARG B 261 -11.92 -15.30 10.72
N TRP B 262 -10.91 -14.45 10.47
CA TRP B 262 -9.57 -14.93 10.13
C TRP B 262 -8.88 -15.63 11.30
N THR B 263 -8.97 -15.07 12.50
N THR B 263 -9.00 -15.04 12.47
CA THR B 263 -8.33 -15.74 13.65
CA THR B 263 -8.45 -15.65 13.67
C THR B 263 -8.90 -17.14 13.82
C THR B 263 -8.90 -17.11 13.76
N GLU B 264 -10.21 -17.33 13.64
CA GLU B 264 -10.78 -18.67 13.71
C GLU B 264 -10.32 -19.59 12.58
N CYS B 265 -10.18 -19.04 11.37
N CYS B 265 -10.15 -19.05 11.37
CA CYS B 265 -9.67 -19.83 10.23
CA CYS B 265 -9.66 -19.86 10.26
C CYS B 265 -8.29 -20.43 10.57
C CYS B 265 -8.30 -20.45 10.60
N VAL B 266 -7.40 -19.60 11.13
CA VAL B 266 -6.07 -20.02 11.49
C VAL B 266 -6.11 -21.03 12.62
N GLU B 267 -6.95 -20.77 13.61
CA GLU B 267 -7.11 -21.67 14.73
C GLU B 267 -7.62 -23.01 14.23
N GLN B 268 -8.55 -22.99 13.26
CA GLN B 268 -9.11 -24.24 12.74
C GLN B 268 -8.03 -25.06 12.10
N MSE B 269 -7.15 -24.41 11.35
CA MSE B 269 -6.02 -25.10 10.73
C MSE B 269 -5.15 -25.76 11.78
O MSE B 269 -4.78 -26.93 11.66
CB MSE B 269 -5.21 -24.12 9.88
CG MSE B 269 -5.96 -23.67 8.67
SE MSE B 269 -4.98 -22.32 7.61
CE MSE B 269 -6.13 -22.32 6.14
N SER B 270 -4.85 -25.03 12.85
CA SER B 270 -4.01 -25.56 13.93
C SER B 270 -4.71 -26.75 14.62
N ALA B 271 -6.01 -26.61 14.87
CA ALA B 271 -6.83 -27.64 15.53
C ALA B 271 -6.79 -28.97 14.78
N GLN B 272 -6.65 -28.89 13.46
N GLN B 272 -6.65 -28.89 13.47
CA GLN B 272 -6.53 -30.04 12.57
CA GLN B 272 -6.54 -30.08 12.61
C GLN B 272 -5.14 -30.66 12.53
C GLN B 272 -5.10 -30.48 12.31
N GLY B 273 -4.15 -30.01 13.11
CA GLY B 273 -2.76 -30.50 13.04
C GLY B 273 -1.79 -29.80 12.12
N VAL B 274 -2.24 -28.73 11.46
CA VAL B 274 -1.35 -27.93 10.62
C VAL B 274 -0.36 -27.23 11.55
N GLU B 275 0.92 -27.27 11.18
CA GLU B 275 1.98 -26.65 11.97
C GLU B 275 2.65 -25.45 11.28
N LYS B 276 2.34 -25.24 10.01
CA LYS B 276 2.97 -24.18 9.24
C LYS B 276 2.01 -23.63 8.21
N LEU B 277 1.97 -22.30 8.10
CA LEU B 277 1.16 -21.62 7.12
C LEU B 277 2.05 -20.91 6.13
N ILE B 278 1.91 -21.27 4.85
CA ILE B 278 2.67 -20.65 3.79
C ILE B 278 1.75 -19.62 3.13
N GLU B 279 2.15 -18.35 3.13
CA GLU B 279 1.37 -17.26 2.53
C GLU B 279 1.83 -17.19 1.10
N MSE B 280 0.90 -17.39 0.18
N MSE B 280 0.95 -17.48 0.15
CA MSE B 280 1.23 -17.45 -1.22
CA MSE B 280 1.32 -17.51 -1.27
C MSE B 280 0.65 -16.23 -1.91
C MSE B 280 0.77 -16.31 -2.06
O MSE B 280 -0.52 -16.17 -2.28
O MSE B 280 -0.25 -16.41 -2.73
CB MSE B 280 0.68 -18.75 -1.80
CB MSE B 280 0.90 -18.85 -1.93
CG MSE B 280 1.10 -19.02 -3.21
CG MSE B 280 1.96 -19.96 -1.86
SE MSE B 280 1.02 -20.93 -3.58
SE MSE B 280 1.50 -21.53 -3.00
CE MSE B 280 2.55 -21.65 -2.53
CE MSE B 280 0.45 -20.51 -4.29
N GLY B 281 1.48 -15.19 -1.98
CA GLY B 281 1.10 -13.95 -2.62
C GLY B 281 2.11 -12.89 -2.24
N PRO B 282 1.96 -11.69 -2.79
CA PRO B 282 2.88 -10.63 -2.46
C PRO B 282 2.77 -10.19 -1.00
N GLY B 283 3.90 -9.72 -0.45
CA GLY B 283 3.95 -9.22 0.91
C GLY B 283 3.95 -10.31 1.95
N LYS B 284 3.93 -9.91 3.21
N LYS B 284 3.93 -9.90 3.21
CA LYS B 284 3.93 -10.82 4.33
CA LYS B 284 3.96 -10.81 4.34
C LYS B 284 2.88 -10.42 5.36
C LYS B 284 2.89 -10.41 5.37
N VAL B 285 1.78 -9.82 4.91
CA VAL B 285 0.73 -9.37 5.84
C VAL B 285 0.13 -10.51 6.69
N LEU B 286 -0.31 -11.56 6.05
CA LEU B 286 -0.95 -12.68 6.77
C LEU B 286 0.04 -13.41 7.66
N THR B 287 1.29 -13.44 7.22
CA THR B 287 2.36 -14.08 7.98
C THR B 287 2.55 -13.41 9.32
N GLY B 288 2.35 -12.09 9.35
CA GLY B 288 2.43 -11.32 10.58
C GLY B 288 1.33 -11.65 11.58
N LEU B 289 0.21 -12.14 11.07
CA LEU B 289 -0.92 -12.51 11.93
C LEU B 289 -0.78 -13.92 12.46
N THR B 290 -0.21 -14.82 11.66
CA THR B 290 -0.13 -16.26 11.98
C THR B 290 0.38 -16.57 13.38
N LYS B 291 1.56 -16.05 13.74
CA LYS B 291 2.10 -16.38 15.05
C LYS B 291 1.46 -15.56 16.18
N ARG B 292 0.66 -14.56 15.85
CA ARG B 292 -0.08 -13.83 16.87
C ARG B 292 -1.31 -14.65 17.25
N ILE B 293 -1.86 -15.38 16.28
CA ILE B 293 -3.05 -16.16 16.49
C ILE B 293 -2.77 -17.45 17.25
N VAL B 294 -1.81 -18.24 16.76
CA VAL B 294 -1.39 -19.47 17.44
C VAL B 294 0.13 -19.37 17.59
N LYS B 295 0.60 -19.15 18.82
CA LYS B 295 2.02 -18.88 19.05
C LYS B 295 2.97 -19.98 18.54
N THR B 296 2.51 -21.23 18.52
CA THR B 296 3.36 -22.33 18.07
C THR B 296 3.44 -22.54 16.54
N LEU B 297 2.55 -21.90 15.78
CA LEU B 297 2.57 -22.01 14.32
C LEU B 297 3.77 -21.32 13.74
N GLU B 298 4.27 -21.88 12.66
CA GLU B 298 5.34 -21.28 11.87
C GLU B 298 4.63 -20.64 10.67
N GLY B 299 5.11 -19.49 10.23
CA GLY B 299 4.51 -18.78 9.10
C GLY B 299 5.62 -18.24 8.21
N VAL B 300 5.47 -18.48 6.90
CA VAL B 300 6.42 -18.02 5.92
C VAL B 300 5.66 -17.56 4.65
N ALA B 301 6.21 -16.56 3.96
CA ALA B 301 5.63 -16.05 2.74
C ALA B 301 6.49 -16.57 1.60
N VAL B 302 5.84 -16.96 0.52
CA VAL B 302 6.48 -17.47 -0.69
C VAL B 302 5.97 -16.63 -1.84
N ASN B 303 6.86 -15.81 -2.39
CA ASN B 303 6.50 -14.93 -3.49
C ASN B 303 7.66 -14.46 -4.34
N ASP B 304 8.80 -15.12 -4.19
CA ASP B 304 9.98 -14.82 -5.00
C ASP B 304 10.85 -16.04 -5.06
N VAL B 305 11.92 -15.99 -5.85
CA VAL B 305 12.81 -17.14 -5.98
C VAL B 305 13.46 -17.54 -4.66
N ALA B 306 13.96 -16.56 -3.91
CA ALA B 306 14.63 -16.84 -2.63
C ALA B 306 13.69 -17.57 -1.65
N SER B 307 12.48 -17.04 -1.49
CA SER B 307 11.49 -17.61 -0.55
C SER B 307 11.00 -18.97 -1.02
N LEU B 308 10.77 -19.12 -2.32
CA LEU B 308 10.39 -20.41 -2.87
C LEU B 308 11.50 -21.44 -2.63
N ASP B 309 12.74 -21.04 -2.86
CA ASP B 309 13.87 -21.95 -2.66
C ASP B 309 13.99 -22.45 -1.21
N ALA B 310 13.80 -21.55 -0.25
CA ALA B 310 13.91 -21.89 1.18
C ALA B 310 12.84 -22.86 1.69
N VAL B 311 11.65 -22.83 1.09
CA VAL B 311 10.54 -23.70 1.53
C VAL B 311 10.41 -25.05 0.81
N LYS B 312 10.97 -25.16 -0.40
CA LYS B 312 10.91 -26.41 -1.20
C LYS B 312 11.06 -27.70 -0.40
S SO4 C . -5.02 1.08 -16.43
O1 SO4 C . -5.27 -0.24 -15.84
O2 SO4 C . -5.66 2.10 -15.63
O3 SO4 C . -3.57 1.30 -16.48
O4 SO4 C . -5.56 1.10 -17.80
S SO4 D . 6.59 -1.63 20.51
O1 SO4 D . 5.98 -1.80 19.20
O2 SO4 D . 6.19 -2.75 21.38
O3 SO4 D . 8.03 -1.62 20.37
O4 SO4 D . 6.08 -0.39 21.10
S SO4 E . -1.57 10.18 -21.36
O1 SO4 E . -2.65 9.25 -21.63
O2 SO4 E . -1.35 10.21 -19.93
O3 SO4 E . -0.38 9.72 -22.08
O4 SO4 E . -1.84 11.54 -21.80
S SO4 F . -2.08 4.88 -18.54
O1 SO4 F . -3.46 4.96 -18.99
O2 SO4 F . -1.57 3.52 -18.69
O3 SO4 F . -1.28 5.80 -19.35
O4 SO4 F . -1.97 5.28 -17.15
S SO4 G . -12.79 7.91 -14.38
O1 SO4 G . -12.32 8.44 -15.64
O2 SO4 G . -13.31 6.58 -14.64
O3 SO4 G . -11.72 7.76 -13.42
O4 SO4 G . -13.87 8.75 -13.85
S SO4 H . 28.16 22.95 6.18
O1 SO4 H . 27.40 23.34 5.00
O2 SO4 H . 27.26 22.89 7.32
O3 SO4 H . 28.81 21.67 5.97
O4 SO4 H . 29.16 23.98 6.45
S SO4 I . 12.40 -8.67 0.87
O1 SO4 I . 12.71 -9.07 -0.50
O2 SO4 I . 11.00 -8.94 1.18
O3 SO4 I . 13.23 -9.45 1.77
O4 SO4 I . 12.67 -7.24 1.00
S SO4 J . -8.63 22.05 13.29
O1 SO4 J . -8.42 20.99 12.31
O2 SO4 J . -9.76 21.74 14.13
O3 SO4 J . -7.47 22.17 14.18
O4 SO4 J . -8.86 23.32 12.60
S SO4 K . -15.15 12.16 -11.19
O1 SO4 K . -15.36 12.52 -12.58
O2 SO4 K . -16.45 11.99 -10.52
O3 SO4 K . -14.39 10.92 -11.10
O4 SO4 K . -14.44 13.24 -10.54
S SO4 L . -11.21 3.80 -13.89
O1 SO4 L . -12.34 2.98 -14.33
O2 SO4 L . -11.19 3.86 -12.43
O3 SO4 L . -9.97 3.21 -14.36
O4 SO4 L . -11.38 5.15 -14.43
S SO4 M . 28.08 -8.03 7.91
O1 SO4 M . 28.83 -9.05 7.18
O2 SO4 M . 27.05 -8.63 8.75
O3 SO4 M . 28.92 -7.14 8.73
O4 SO4 M . 27.38 -7.21 6.93
S CXS N . 1.64 12.89 -2.06
O1 CXS N . 1.01 14.22 -1.89
O2 CXS N . 2.99 13.04 -2.67
O3 CXS N . 1.77 12.21 -0.75
C1 CXS N . 0.57 12.07 -3.03
C2 CXS N . 1.12 10.73 -3.44
C3 CXS N . 0.23 10.17 -4.55
N CXS N . 0.62 8.82 -4.91
C4 CXS N . 1.98 8.48 -5.28
C5 CXS N . 2.62 9.52 -6.20
C6 CXS N . 3.99 9.08 -6.69
C7 CXS N . 3.84 7.80 -7.49
C8 CXS N . 3.26 6.72 -6.60
C9 CXS N . 1.93 7.13 -5.98
S CXS O . 3.55 2.62 24.85
O1 CXS O . 4.73 1.76 25.10
O2 CXS O . 2.39 2.02 25.53
O3 CXS O . 3.79 3.97 25.41
C1 CXS O . 3.27 2.76 23.21
C2 CXS O . 3.71 1.51 22.44
C3 CXS O . 3.70 1.72 20.93
N CXS O . 3.46 0.48 20.19
C4 CXS O . 3.76 0.32 18.78
C5 CXS O . 3.33 1.53 17.96
C6 CXS O . 3.57 1.25 16.48
C7 CXS O . 2.72 0.08 16.01
C8 CXS O . 3.16 -1.16 16.75
C9 CXS O . 3.05 -0.94 18.26
S CXS P . -4.47 28.33 5.19
S CXS P . -6.28 27.67 9.36
O1 CXS P . -3.25 28.31 4.36
O1 CXS P . -5.12 28.41 9.93
O2 CXS P . -4.39 27.31 6.25
O2 CXS P . -5.87 26.27 9.07
O3 CXS P . -4.62 29.67 5.81
O3 CXS P . -7.40 27.67 10.33
C1 CXS P . -5.79 28.00 4.25
C1 CXS P . -6.79 28.40 7.95
C2 CXS P . -6.77 27.19 5.10
C2 CXS P . -8.28 28.14 7.78
C3 CXS P . -8.18 27.37 4.58
C3 CXS P . -8.56 27.17 6.63
N CXS P . -9.19 26.97 5.55
N CXS P . -9.73 26.34 6.84
C4 CXS P . -9.68 25.60 5.58
C4 CXS P . -9.88 25.09 6.10
C5 CXS P . -11.14 25.52 5.16
C5 CXS P . -11.14 25.10 5.24
C6 CXS P . -11.67 24.11 5.35
C6 CXS P . -11.13 23.91 4.28
C7 CXS P . -10.57 23.12 5.69
C7 CXS P . -10.54 22.67 4.93
C8 CXS P . -9.82 23.51 6.95
C8 CXS P . -10.69 22.73 6.45
C9 CXS P . -9.53 25.00 6.98
C9 CXS P . -9.92 23.89 7.05
S CXS Q . 23.46 16.46 -21.39
O1 CXS Q . 24.78 17.02 -21.77
O2 CXS Q . 23.38 15.03 -21.78
O3 CXS Q . 23.30 16.58 -19.92
C1 CXS Q . 22.26 17.35 -22.14
C2 CXS Q . 20.92 16.62 -22.02
C3 CXS Q . 19.74 17.58 -21.95
N CXS Q . 18.52 16.89 -21.61
C4 CXS Q . 17.21 17.49 -21.82
C5 CXS Q . 16.88 18.43 -20.67
C6 CXS Q . 15.44 18.93 -20.75
C7 CXS Q . 14.42 17.81 -20.87
C8 CXS Q . 15.08 16.44 -20.90
C9 CXS Q . 16.14 16.41 -22.00
CL CL R . 0.00 4.46 1.92
CL CL S . 14.54 -10.08 11.90
CL CL T . -0.30 10.31 -0.06
CL CL U . 4.80 12.49 2.36
CL CL V . -1.69 5.98 16.85
OAC 8JZ W . 32.85 7.29 -6.44
CAH 8JZ W . 33.00 6.21 -6.96
CAB 8JZ W . 32.41 5.95 -8.29
OAG 8JZ W . 33.78 5.19 -6.24
CAF 8JZ W . 34.17 3.96 -6.85
CAE 8JZ W . 33.47 2.76 -6.20
CAD 8JZ W . 33.12 1.66 -7.20
CAA 8JZ W . 34.24 0.65 -7.41
S SO4 X . -10.94 -1.42 -17.90
O1 SO4 X . -11.91 -2.31 -18.52
O2 SO4 X . -10.49 -2.04 -16.66
O3 SO4 X . -9.80 -1.21 -18.79
O4 SO4 X . -11.55 -0.12 -17.60
S SO4 Y . 0.95 -1.92 21.15
O1 SO4 Y . -0.35 -2.21 20.56
O2 SO4 Y . 1.02 -2.33 22.55
O3 SO4 Y . 1.96 -2.67 20.42
O4 SO4 Y . 1.22 -0.50 21.09
S SO4 Z . -0.15 -21.38 21.76
O1 SO4 Z . -0.73 -20.13 21.31
O2 SO4 Z . -0.70 -21.69 23.09
O3 SO4 Z . -0.45 -22.45 20.83
O4 SO4 Z . 1.30 -21.26 21.88
S SO4 AA . -5.11 -23.44 -11.57
O1 SO4 AA . -5.71 -24.17 -12.69
O2 SO4 AA . -5.60 -23.97 -10.31
O3 SO4 AA . -3.66 -23.57 -11.61
O4 SO4 AA . -5.49 -22.03 -11.69
S SO4 BA . 9.76 -9.60 -6.54
O1 SO4 BA . 8.42 -10.17 -6.56
O2 SO4 BA . 10.33 -9.81 -5.20
O3 SO4 BA . 10.58 -10.26 -7.54
O4 SO4 BA . 9.72 -8.17 -6.85
S SO4 CA . -6.60 -7.88 23.60
O1 SO4 CA . -7.33 -9.11 23.35
O2 SO4 CA . -6.67 -7.52 25.02
O3 SO4 CA . -5.19 -8.03 23.23
O4 SO4 CA . -7.17 -6.81 22.82
S SO4 DA . -5.93 6.40 19.39
O1 SO4 DA . -5.99 5.58 18.20
O2 SO4 DA . -5.86 5.60 20.61
O3 SO4 DA . -4.69 7.19 19.35
O4 SO4 DA . -7.10 7.26 19.44
S CXS EA . -1.70 -30.53 17.41
O1 CXS EA . -0.58 -30.55 18.38
O2 CXS EA . -1.17 -30.75 16.04
O3 CXS EA . -2.65 -31.63 17.72
C1 CXS EA . -2.43 -29.04 17.43
C2 CXS EA . -3.12 -28.72 18.75
C3 CXS EA . -4.35 -27.89 18.48
N CXS EA . -4.17 -26.46 18.66
C4 CXS EA . -5.22 -25.57 19.14
C5 CXS EA . -6.58 -25.89 18.53
C6 CXS EA . -7.66 -24.96 19.04
C7 CXS EA . -7.34 -23.51 18.68
C8 CXS EA . -5.96 -23.12 19.20
C9 CXS EA . -4.87 -24.12 18.81
S CXS FA . -10.99 -5.92 4.43
S CXS FA . -9.57 -3.19 2.68
O1 CXS FA . -12.01 -5.51 5.43
O1 CXS FA . -10.77 -2.73 3.43
O2 CXS FA . -11.20 -7.33 4.07
O2 CXS FA . -10.03 -3.81 1.42
O3 CXS FA . -11.13 -5.06 3.23
O3 CXS FA . -8.71 -2.01 2.38
C1 CXS FA . -9.45 -5.73 5.06
C1 CXS FA . -8.74 -4.32 3.58
C2 CXS FA . -9.36 -4.55 6.04
C2 CXS FA . -7.57 -3.71 4.35
C3 CXS FA . -8.01 -3.83 5.92
C3 CXS FA . -6.47 -4.75 4.56
N CXS FA . -7.08 -4.18 6.98
N CXS FA . -5.83 -4.68 5.86
C4 CXS FA . -6.60 -5.54 7.18
C4 CXS FA . -5.91 -5.79 6.80
C5 CXS FA . -5.08 -5.59 7.31
C5 CXS FA . -4.52 -6.26 7.22
C6 CXS FA . -4.68 -6.92 7.95
C6 CXS FA . -4.59 -7.54 8.04
C7 CXS FA . -5.35 -8.06 7.19
C7 CXS FA . -5.17 -8.69 7.21
C8 CXS FA . -5.92 -7.57 5.86
C8 CXS FA . -5.76 -8.15 5.91
C9 CXS FA . -6.96 -6.46 6.04
C9 CXS FA . -6.67 -6.95 6.17
CL CL GA . -4.98 -1.07 -0.97
CL CL HA . -3.70 5.18 -4.30
CL CL IA . -11.64 -7.52 -0.90
CL CL JA . 8.49 -14.98 5.69
#